data_9JQM
#
_entry.id   9JQM
#
_cell.length_a   82.799
_cell.length_b   188.859
_cell.length_c   198.313
_cell.angle_alpha   90.000
_cell.angle_beta   90.000
_cell.angle_gamma   90.000
#
_symmetry.space_group_name_H-M   'I 21 21 21'
#
loop_
_entity.id
_entity.type
_entity.pdbx_description
1 polymer 'Fatty-acid peroxygenase'
2 non-polymer 'PROTOPORPHYRIN IX CONTAINING FE'
3 non-polymer 'icosanoic acid'
4 non-polymer GLYCEROL
5 water water
#
_entity_poly.entity_id   1
_entity_poly.type   'polypeptide(L)'
_entity_poly.pdbx_seq_one_letter_code
;MATIKKDKGIDNTAKIAKQGYLYTTNQRERLGVKDGVFETRGLGGKRIIILSGKDGAELFYDNDKVERSGTLPKRVVNTL
FGKGAIHTTTGKVHVDRKALFMSLMTEGNLQYLRELTRNHWLMNTQRMENMDQVNVYRESIILLTKVGTRWAGVQAPEKE
IENIATDMDIMIDSFKAIGSAFKGYRASKAARRRVEDWLEDQIIQTRKGKIHPPKGTALYEFAHWKDYKGEPMDSRLCGI
DLMNTFRPLIAINRFIAFGALAMHENPVAREKIKQDDDYAYMFAQEVRRFYPFVPYLPGKVKEDFQYKGYDFEKDTMLAI
DIYGTMHDPDVWENPNEFYPERFKDWDGSPFDLIPQGGGDYYTNHRCAGEWMTIIIMQETMKYFASRITYDVPEQDLTVD
LNSLPGYVKSGFIIENVREVVDRDLEHHHHHH
;
_entity_poly.pdbx_strand_id   B,A
#
loop_
_chem_comp.id
_chem_comp.type
_chem_comp.name
_chem_comp.formula
DCR non-polymer 'icosanoic acid' 'C20 H40 O2'
GOL non-polymer GLYCEROL 'C3 H8 O3'
HEM non-polymer 'PROTOPORPHYRIN IX CONTAINING FE' 'C34 H32 Fe N4 O4'
#
# COMPACT_ATOMS: atom_id res chain seq x y z
N ALA A 2 -43.20 -25.92 -20.62
CA ALA A 2 -42.78 -25.89 -22.01
C ALA A 2 -42.16 -27.21 -22.38
N THR A 3 -41.33 -27.20 -23.43
CA THR A 3 -40.63 -28.39 -23.88
C THR A 3 -39.15 -28.04 -24.09
N ILE A 4 -38.27 -28.78 -23.40
CA ILE A 4 -36.86 -28.42 -23.33
C ILE A 4 -36.22 -28.55 -24.70
N LYS A 5 -35.52 -27.49 -25.13
CA LYS A 5 -34.79 -27.57 -26.39
C LYS A 5 -33.68 -28.62 -26.31
N LYS A 6 -33.37 -29.22 -27.46
CA LYS A 6 -32.60 -30.46 -27.51
C LYS A 6 -31.51 -30.35 -28.56
N ASP A 7 -30.28 -30.71 -28.18
CA ASP A 7 -29.24 -31.06 -29.16
C ASP A 7 -29.48 -32.51 -29.55
N LYS A 8 -29.93 -32.74 -30.78
CA LYS A 8 -30.33 -34.08 -31.21
C LYS A 8 -29.12 -35.00 -31.44
N GLY A 9 -29.35 -36.30 -31.21
CA GLY A 9 -28.38 -37.37 -31.43
C GLY A 9 -28.55 -38.53 -30.47
N ILE A 10 -28.33 -39.80 -30.91
CA ILE A 10 -28.48 -40.90 -29.96
C ILE A 10 -27.55 -40.68 -28.77
N ASP A 11 -26.37 -40.14 -29.03
CA ASP A 11 -25.39 -39.91 -28.00
C ASP A 11 -24.37 -38.94 -28.53
N ASN A 12 -24.24 -37.77 -27.90
CA ASN A 12 -23.34 -36.72 -28.36
C ASN A 12 -22.05 -36.61 -27.54
N THR A 13 -21.70 -37.66 -26.78
CA THR A 13 -20.49 -37.67 -25.95
C THR A 13 -19.26 -37.19 -26.71
N ALA A 14 -19.00 -37.77 -27.88
CA ALA A 14 -17.81 -37.41 -28.63
C ALA A 14 -17.89 -36.00 -29.20
N LYS A 15 -19.10 -35.49 -29.41
CA LYS A 15 -19.22 -34.11 -29.85
C LYS A 15 -18.97 -33.17 -28.66
N ILE A 16 -19.49 -33.54 -27.50
CA ILE A 16 -19.22 -32.78 -26.28
C ILE A 16 -17.72 -32.71 -26.03
N ALA A 17 -17.01 -33.83 -26.18
CA ALA A 17 -15.57 -33.83 -25.95
C ALA A 17 -14.84 -33.00 -27.01
N LYS A 18 -15.29 -33.05 -28.26
CA LYS A 18 -14.55 -32.38 -29.31
C LYS A 18 -14.69 -30.86 -29.21
N GLN A 19 -15.76 -30.38 -28.60
CA GLN A 19 -16.03 -28.95 -28.52
C GLN A 19 -15.61 -28.33 -27.19
N GLY A 20 -15.49 -29.15 -26.14
CA GLY A 20 -14.80 -28.73 -24.93
C GLY A 20 -15.59 -27.73 -24.11
N TYR A 21 -14.92 -26.64 -23.71
CA TYR A 21 -15.58 -25.64 -22.88
C TYR A 21 -16.58 -24.82 -23.67
N LEU A 22 -16.63 -24.97 -25.00
CA LEU A 22 -17.57 -24.20 -25.80
C LEU A 22 -18.82 -25.02 -26.16
N TYR A 23 -18.85 -26.30 -25.80
CA TYR A 23 -19.99 -27.14 -26.18
C TYR A 23 -21.31 -26.53 -25.75
N THR A 24 -21.46 -26.21 -24.46
CA THR A 24 -22.76 -25.76 -23.97
C THR A 24 -23.18 -24.46 -24.63
N THR A 25 -22.28 -23.48 -24.74
CA THR A 25 -22.72 -22.23 -25.33
C THR A 25 -22.89 -22.36 -26.83
N ASN A 26 -22.15 -23.27 -27.48
CA ASN A 26 -22.40 -23.53 -28.90
C ASN A 26 -23.82 -24.00 -29.13
N GLN A 27 -24.33 -24.87 -28.25
CA GLN A 27 -25.68 -25.39 -28.46
C GLN A 27 -26.73 -24.36 -28.09
N ARG A 28 -26.50 -23.59 -27.02
CA ARG A 28 -27.51 -22.60 -26.62
C ARG A 28 -27.68 -21.54 -27.70
N GLU A 29 -26.57 -21.02 -28.24
CA GLU A 29 -26.66 -20.05 -29.33
C GLU A 29 -27.36 -20.67 -30.54
N ARG A 30 -26.96 -21.88 -30.93
CA ARG A 30 -27.52 -22.57 -32.10
C ARG A 30 -29.02 -22.78 -31.96
N LEU A 31 -29.48 -23.24 -30.80
CA LEU A 31 -30.89 -23.56 -30.60
C LEU A 31 -31.69 -22.37 -30.10
N GLY A 32 -31.09 -21.19 -30.02
CA GLY A 32 -31.72 -20.07 -29.38
C GLY A 32 -32.36 -20.35 -28.03
N VAL A 33 -31.66 -20.96 -27.10
CA VAL A 33 -32.27 -21.05 -25.78
C VAL A 33 -31.90 -19.79 -25.01
N LYS A 34 -32.79 -19.36 -24.13
CA LYS A 34 -32.61 -18.07 -23.47
C LYS A 34 -32.96 -18.11 -21.98
N ASP A 35 -33.39 -19.26 -21.48
CA ASP A 35 -33.60 -19.50 -20.05
C ASP A 35 -32.56 -20.44 -19.46
N GLY A 36 -31.43 -20.62 -20.15
CA GLY A 36 -30.34 -21.47 -19.65
C GLY A 36 -30.72 -22.89 -19.29
N VAL A 37 -31.58 -23.52 -20.09
CA VAL A 37 -31.84 -24.96 -19.98
C VAL A 37 -31.80 -25.55 -21.39
N PHE A 38 -31.13 -26.69 -21.54
CA PHE A 38 -31.21 -27.48 -22.76
C PHE A 38 -30.84 -28.92 -22.43
N GLU A 39 -31.04 -29.80 -23.42
CA GLU A 39 -31.00 -31.23 -23.24
C GLU A 39 -30.13 -31.84 -24.32
N THR A 40 -29.50 -32.97 -23.98
CA THR A 40 -28.72 -33.73 -24.96
C THR A 40 -28.66 -35.18 -24.47
N ARG A 41 -27.89 -35.99 -25.16
CA ARG A 41 -27.69 -37.37 -24.74
C ARG A 41 -26.20 -37.66 -24.67
N GLY A 42 -25.77 -38.35 -23.62
CA GLY A 42 -24.39 -38.78 -23.57
C GLY A 42 -24.21 -39.90 -22.55
N LEU A 43 -22.94 -40.25 -22.36
CA LEU A 43 -22.56 -41.28 -21.39
C LEU A 43 -23.31 -42.58 -21.66
N GLY A 44 -23.52 -42.88 -22.94
CA GLY A 44 -24.18 -44.11 -23.35
C GLY A 44 -25.67 -43.94 -23.50
N GLY A 45 -26.07 -42.92 -24.25
CA GLY A 45 -27.48 -42.72 -24.55
C GLY A 45 -28.32 -42.17 -23.43
N LYS A 46 -27.72 -41.61 -22.38
CA LYS A 46 -28.49 -41.09 -21.26
C LYS A 46 -28.98 -39.66 -21.55
N ARG A 47 -30.20 -39.39 -21.12
CA ARG A 47 -30.75 -38.04 -21.18
C ARG A 47 -30.04 -37.14 -20.17
N ILE A 48 -29.53 -36.00 -20.62
CA ILE A 48 -28.80 -35.07 -19.76
C ILE A 48 -29.36 -33.67 -19.97
N ILE A 49 -29.78 -33.02 -18.89
CA ILE A 49 -30.28 -31.65 -18.94
C ILE A 49 -29.20 -30.73 -18.38
N ILE A 50 -28.74 -29.79 -19.19
CA ILE A 50 -27.67 -28.86 -18.81
C ILE A 50 -28.32 -27.58 -18.28
N LEU A 51 -28.02 -27.24 -17.02
CA LEU A 51 -28.45 -26.01 -16.38
C LEU A 51 -27.33 -24.97 -16.42
N SER A 52 -27.69 -23.70 -16.57
CA SER A 52 -26.69 -22.65 -16.50
C SER A 52 -27.31 -21.41 -15.85
N GLY A 53 -26.47 -20.41 -15.61
CA GLY A 53 -26.89 -19.21 -14.92
C GLY A 53 -26.95 -19.37 -13.40
N LYS A 54 -27.07 -18.22 -12.72
CA LYS A 54 -27.16 -18.20 -11.27
C LYS A 54 -28.34 -19.04 -10.78
N ASP A 55 -29.47 -18.99 -11.50
CA ASP A 55 -30.63 -19.76 -11.07
C ASP A 55 -30.45 -21.24 -11.40
N GLY A 56 -29.81 -21.55 -12.52
CA GLY A 56 -29.40 -22.92 -12.76
C GLY A 56 -28.54 -23.45 -11.62
N ALA A 57 -27.51 -22.68 -11.24
CA ALA A 57 -26.61 -23.08 -10.17
C ALA A 57 -27.34 -23.24 -8.84
N GLU A 58 -28.23 -22.31 -8.51
CA GLU A 58 -28.98 -22.43 -7.26
C GLU A 58 -29.86 -23.67 -7.26
N LEU A 59 -30.50 -23.98 -8.38
CA LEU A 59 -31.31 -25.18 -8.45
C LEU A 59 -30.44 -26.43 -8.30
N PHE A 60 -29.28 -26.45 -8.98
CA PHE A 60 -28.42 -27.61 -8.95
C PHE A 60 -27.94 -27.92 -7.53
N TYR A 61 -27.77 -26.90 -6.68
CA TYR A 61 -27.26 -27.11 -5.34
C TYR A 61 -28.36 -27.14 -4.28
N ASP A 62 -29.60 -27.30 -4.71
CA ASP A 62 -30.74 -27.48 -3.82
C ASP A 62 -30.87 -28.96 -3.50
N ASN A 63 -30.57 -29.34 -2.25
CA ASN A 63 -30.56 -30.73 -1.85
C ASN A 63 -31.94 -31.39 -1.86
N ASP A 64 -33.00 -30.61 -2.08
CA ASP A 64 -34.33 -31.20 -2.19
C ASP A 64 -34.64 -31.64 -3.62
N LYS A 65 -33.96 -31.07 -4.61
CA LYS A 65 -34.22 -31.34 -6.01
C LYS A 65 -33.16 -32.21 -6.67
N VAL A 66 -31.89 -32.03 -6.29
CA VAL A 66 -30.77 -32.67 -6.95
C VAL A 66 -30.11 -33.67 -6.00
N GLU A 67 -29.73 -34.83 -6.55
CA GLU A 67 -28.94 -35.83 -5.86
C GLU A 67 -27.62 -36.01 -6.61
N ARG A 68 -26.52 -36.05 -5.87
CA ARG A 68 -25.19 -36.10 -6.49
C ARG A 68 -24.62 -37.51 -6.58
N SER A 69 -24.91 -38.41 -5.64
CA SER A 69 -24.18 -39.67 -5.59
C SER A 69 -24.52 -40.54 -6.79
N GLY A 70 -23.49 -41.18 -7.34
CA GLY A 70 -23.66 -42.07 -8.46
C GLY A 70 -23.78 -41.41 -9.81
N THR A 71 -23.42 -40.13 -9.91
CA THR A 71 -23.52 -39.42 -11.17
C THR A 71 -22.17 -39.18 -11.85
N LEU A 72 -21.08 -39.22 -11.11
CA LEU A 72 -19.76 -39.04 -11.70
C LEU A 72 -19.40 -40.27 -12.54
N PRO A 73 -18.93 -40.08 -13.78
CA PRO A 73 -18.46 -41.23 -14.57
C PRO A 73 -17.40 -42.00 -13.80
N LYS A 74 -17.44 -43.32 -13.93
CA LYS A 74 -16.65 -44.13 -13.02
C LYS A 74 -15.15 -44.10 -13.33
N ARG A 75 -14.74 -43.81 -14.56
CA ARG A 75 -13.31 -43.68 -14.83
C ARG A 75 -12.75 -42.37 -14.30
N VAL A 76 -13.61 -41.35 -14.13
CA VAL A 76 -13.19 -40.10 -13.50
C VAL A 76 -12.98 -40.30 -12.01
N VAL A 77 -13.91 -41.02 -11.35
CA VAL A 77 -13.70 -41.38 -9.97
C VAL A 77 -12.41 -42.17 -9.81
N ASN A 78 -12.15 -43.11 -10.71
CA ASN A 78 -11.01 -43.99 -10.59
C ASN A 78 -9.69 -43.28 -10.72
N THR A 79 -9.67 -42.12 -11.36
CA THR A 79 -8.40 -41.45 -11.57
C THR A 79 -8.30 -40.12 -10.85
N LEU A 80 -9.38 -39.33 -10.80
CA LEU A 80 -9.33 -38.03 -10.13
C LEU A 80 -9.46 -38.15 -8.61
N PHE A 81 -10.57 -38.71 -8.13
CA PHE A 81 -10.94 -38.61 -6.73
C PHE A 81 -10.62 -39.84 -5.91
N GLY A 82 -10.62 -41.01 -6.53
CA GLY A 82 -10.39 -42.28 -5.87
C GLY A 82 -11.68 -42.87 -5.33
N LYS A 83 -11.75 -44.20 -5.33
CA LYS A 83 -12.99 -44.84 -4.95
C LYS A 83 -13.25 -44.69 -3.46
N GLY A 84 -14.51 -44.47 -3.12
CA GLY A 84 -14.95 -44.15 -1.78
C GLY A 84 -14.78 -42.71 -1.37
N ALA A 85 -14.23 -41.86 -2.25
CA ALA A 85 -13.85 -40.51 -1.88
C ALA A 85 -15.04 -39.67 -1.47
N ILE A 86 -14.76 -38.56 -0.80
CA ILE A 86 -15.83 -37.70 -0.29
C ILE A 86 -16.76 -37.26 -1.43
N HIS A 87 -16.20 -36.98 -2.61
CA HIS A 87 -17.03 -36.61 -3.77
C HIS A 87 -18.12 -37.64 -4.06
N THR A 88 -17.88 -38.91 -3.72
CA THR A 88 -18.83 -39.98 -3.99
C THR A 88 -19.79 -40.25 -2.83
N THR A 89 -19.72 -39.51 -1.74
CA THR A 89 -20.59 -39.75 -0.59
C THR A 89 -21.81 -38.83 -0.65
N THR A 90 -22.86 -39.22 0.09
CA THR A 90 -24.07 -38.42 0.13
C THR A 90 -24.70 -38.52 1.52
N GLY A 91 -25.68 -37.64 1.76
CA GLY A 91 -26.46 -37.66 2.99
C GLY A 91 -25.63 -37.43 4.24
N LYS A 92 -25.97 -38.18 5.30
CA LYS A 92 -25.29 -38.01 6.58
C LYS A 92 -23.80 -38.31 6.45
N VAL A 93 -23.46 -39.37 5.74
CA VAL A 93 -22.06 -39.74 5.57
C VAL A 93 -21.27 -38.58 4.96
N HIS A 94 -21.86 -37.91 3.98
CA HIS A 94 -21.16 -36.79 3.34
C HIS A 94 -21.00 -35.61 4.30
N VAL A 95 -22.08 -35.20 4.96
CA VAL A 95 -21.98 -34.02 5.82
C VAL A 95 -21.00 -34.28 6.97
N ASP A 96 -21.01 -35.51 7.50
CA ASP A 96 -20.04 -35.91 8.51
C ASP A 96 -18.61 -35.72 8.00
N ARG A 97 -18.27 -36.34 6.86
CA ARG A 97 -16.89 -36.31 6.39
C ARG A 97 -16.50 -34.93 5.87
N LYS A 98 -17.45 -34.22 5.24
CA LYS A 98 -17.16 -32.86 4.82
C LYS A 98 -16.78 -31.99 6.00
N ALA A 99 -17.32 -32.30 7.19
CA ALA A 99 -16.94 -31.57 8.39
C ALA A 99 -15.48 -31.81 8.74
N LEU A 100 -15.00 -33.04 8.55
CA LEU A 100 -13.58 -33.30 8.73
C LEU A 100 -12.74 -32.36 7.86
N PHE A 101 -13.06 -32.32 6.55
CA PHE A 101 -12.26 -31.50 5.64
C PHE A 101 -12.30 -30.03 6.03
N MET A 102 -13.48 -29.53 6.41
CA MET A 102 -13.60 -28.10 6.72
C MET A 102 -12.88 -27.76 8.01
N SER A 103 -12.77 -28.71 8.95
CA SER A 103 -12.05 -28.44 10.19
C SER A 103 -10.56 -28.16 9.96
N LEU A 104 -10.02 -28.47 8.79
CA LEU A 104 -8.66 -28.09 8.48
C LEU A 104 -8.53 -26.63 8.06
N MET A 105 -9.66 -26.01 7.70
CA MET A 105 -9.65 -24.66 7.14
C MET A 105 -9.69 -23.60 8.24
N THR A 106 -8.87 -23.77 9.27
CA THR A 106 -8.81 -22.77 10.33
C THR A 106 -7.98 -21.56 9.89
N GLU A 107 -8.24 -20.43 10.56
CA GLU A 107 -7.47 -19.22 10.30
C GLU A 107 -5.98 -19.44 10.54
N GLY A 108 -5.64 -20.23 11.55
CA GLY A 108 -4.24 -20.50 11.83
C GLY A 108 -3.60 -21.45 10.83
N ASN A 109 -4.36 -22.43 10.34
CA ASN A 109 -3.82 -23.33 9.33
C ASN A 109 -3.70 -22.64 7.99
N LEU A 110 -4.65 -21.75 7.66
CA LEU A 110 -4.59 -21.03 6.39
C LEU A 110 -3.47 -20.00 6.39
N GLN A 111 -3.17 -19.41 7.55
CA GLN A 111 -2.06 -18.46 7.60
C GLN A 111 -0.73 -19.19 7.49
N TYR A 112 -0.65 -20.37 8.09
CA TYR A 112 0.46 -21.26 7.79
C TYR A 112 0.59 -21.49 6.29
N LEU A 113 -0.53 -21.84 5.63
CA LEU A 113 -0.49 -22.06 4.18
C LEU A 113 0.02 -20.80 3.45
N ARG A 114 -0.41 -19.61 3.89
CA ARG A 114 0.03 -18.39 3.22
C ARG A 114 1.53 -18.19 3.36
N GLU A 115 2.06 -18.43 4.57
CA GLU A 115 3.48 -18.26 4.81
C GLU A 115 4.30 -19.27 4.03
N LEU A 116 3.85 -20.52 4.00
CA LEU A 116 4.56 -21.54 3.22
C LEU A 116 4.68 -21.13 1.76
N THR A 117 3.59 -20.61 1.18
CA THR A 117 3.62 -20.23 -0.23
C THR A 117 4.56 -19.07 -0.46
N ARG A 118 4.51 -18.06 0.42
CA ARG A 118 5.35 -16.89 0.22
C ARG A 118 6.84 -17.25 0.34
N ASN A 119 7.20 -18.08 1.32
CA ASN A 119 8.61 -18.34 1.55
C ASN A 119 9.20 -19.27 0.49
N HIS A 120 8.40 -20.24 0.01
CA HIS A 120 8.87 -21.14 -1.04
C HIS A 120 9.15 -20.40 -2.35
N TRP A 121 8.29 -19.44 -2.72
CA TRP A 121 8.55 -18.59 -3.88
C TRP A 121 9.79 -17.72 -3.66
N LEU A 122 9.85 -17.00 -2.52
CA LEU A 122 11.04 -16.19 -2.21
C LEU A 122 12.32 -17.01 -2.32
N MET A 123 12.30 -18.27 -1.82
CA MET A 123 13.50 -19.10 -1.83
C MET A 123 13.81 -19.69 -3.20
N ASN A 124 12.79 -19.85 -4.05
CA ASN A 124 12.94 -20.38 -5.40
C ASN A 124 13.53 -19.38 -6.37
N THR A 125 13.69 -18.12 -5.98
CA THR A 125 14.12 -17.09 -6.94
C THR A 125 15.51 -17.41 -7.49
N GLN A 126 16.47 -17.71 -6.61
CA GLN A 126 17.82 -17.95 -7.11
C GLN A 126 17.85 -19.12 -8.08
N ARG A 127 17.09 -20.18 -7.79
CA ARG A 127 17.05 -21.31 -8.70
C ARG A 127 16.51 -20.90 -10.07
N MET A 128 15.44 -20.08 -10.05
CA MET A 128 14.87 -19.62 -11.31
C MET A 128 15.82 -18.68 -12.04
N GLU A 129 16.54 -17.83 -11.29
CA GLU A 129 17.52 -16.94 -11.89
C GLU A 129 18.60 -17.71 -12.62
N ASN A 130 18.90 -18.92 -12.18
CA ASN A 130 20.00 -19.67 -12.75
C ASN A 130 19.58 -20.59 -13.87
N MET A 131 18.30 -20.88 -13.98
CA MET A 131 17.81 -21.59 -15.16
C MET A 131 17.85 -20.65 -16.37
N ASP A 132 17.97 -21.25 -17.56
CA ASP A 132 17.84 -20.45 -18.77
C ASP A 132 16.38 -20.09 -19.01
N GLN A 133 15.51 -21.09 -19.08
CA GLN A 133 14.09 -20.85 -19.23
C GLN A 133 13.34 -21.60 -18.14
N VAL A 134 12.22 -21.04 -17.73
CA VAL A 134 11.38 -21.58 -16.66
C VAL A 134 9.99 -21.79 -17.23
N ASN A 135 9.53 -23.03 -17.19
CA ASN A 135 8.15 -23.35 -17.53
C ASN A 135 7.32 -23.15 -16.27
N VAL A 136 6.53 -22.07 -16.24
CA VAL A 136 5.82 -21.69 -15.02
C VAL A 136 4.88 -22.80 -14.57
N TYR A 137 4.28 -23.51 -15.53
CA TYR A 137 3.32 -24.56 -15.17
C TYR A 137 4.01 -25.75 -14.51
N ARG A 138 5.19 -26.12 -15.02
CA ARG A 138 5.96 -27.18 -14.39
C ARG A 138 6.57 -26.71 -13.07
N GLU A 139 7.12 -25.49 -13.05
CA GLU A 139 7.81 -25.03 -11.85
C GLU A 139 6.83 -24.91 -10.69
N SER A 140 5.65 -24.33 -10.96
CA SER A 140 4.57 -24.25 -9.99
C SER A 140 4.29 -25.60 -9.37
N ILE A 141 4.32 -26.64 -10.19
CA ILE A 141 3.79 -27.90 -9.71
C ILE A 141 4.79 -28.57 -8.78
N ILE A 142 6.09 -28.37 -9.02
CA ILE A 142 7.08 -28.80 -8.06
C ILE A 142 6.99 -27.97 -6.79
N LEU A 143 6.94 -26.64 -6.93
CA LEU A 143 6.81 -25.78 -5.75
C LEU A 143 5.59 -26.15 -4.91
N LEU A 144 4.44 -26.28 -5.56
CA LEU A 144 3.22 -26.58 -4.81
C LEU A 144 3.29 -27.96 -4.15
N THR A 145 4.02 -28.91 -4.74
CA THR A 145 4.13 -30.23 -4.12
C THR A 145 4.86 -30.13 -2.79
N LYS A 146 5.92 -29.31 -2.74
CA LYS A 146 6.63 -29.10 -1.48
C LYS A 146 5.74 -28.41 -0.46
N VAL A 147 4.99 -27.40 -0.91
CA VAL A 147 4.12 -26.65 0.00
C VAL A 147 3.00 -27.54 0.53
N GLY A 148 2.38 -28.33 -0.36
CA GLY A 148 1.22 -29.10 0.03
C GLY A 148 1.58 -30.31 0.90
N THR A 149 2.72 -30.94 0.62
CA THR A 149 3.14 -32.02 1.50
C THR A 149 3.43 -31.50 2.89
N ARG A 150 4.15 -30.38 2.98
CA ARG A 150 4.40 -29.75 4.27
C ARG A 150 3.10 -29.38 4.97
N TRP A 151 2.21 -28.68 4.27
CA TRP A 151 0.98 -28.24 4.91
C TRP A 151 0.16 -29.41 5.44
N ALA A 152 0.20 -30.55 4.75
CA ALA A 152 -0.63 -31.69 5.13
C ALA A 152 0.02 -32.54 6.22
N GLY A 153 1.27 -32.26 6.57
CA GLY A 153 2.02 -33.04 7.55
C GLY A 153 2.54 -34.38 7.06
N VAL A 154 2.62 -34.61 5.75
CA VAL A 154 3.10 -35.87 5.19
C VAL A 154 4.55 -35.72 4.78
N GLN A 155 5.28 -36.84 4.77
CA GLN A 155 6.73 -36.85 4.50
C GLN A 155 6.98 -37.04 3.00
N ALA A 156 7.71 -36.08 2.42
CA ALA A 156 8.16 -36.19 1.03
C ALA A 156 9.59 -35.69 0.99
N PRO A 157 10.56 -36.58 1.13
CA PRO A 157 11.96 -36.19 0.95
C PRO A 157 12.21 -35.67 -0.46
N GLU A 158 13.26 -34.84 -0.56
CA GLU A 158 13.54 -34.08 -1.77
C GLU A 158 13.46 -34.94 -3.03
N LYS A 159 13.98 -36.18 -2.97
CA LYS A 159 14.14 -37.02 -4.15
C LYS A 159 12.83 -37.68 -4.62
N GLU A 160 11.75 -37.55 -3.85
CA GLU A 160 10.43 -37.97 -4.27
C GLU A 160 9.61 -36.85 -4.90
N ILE A 161 9.98 -35.58 -4.67
CA ILE A 161 9.11 -34.44 -4.96
C ILE A 161 8.63 -34.44 -6.42
N GLU A 162 9.57 -34.56 -7.36
CA GLU A 162 9.18 -34.51 -8.77
C GLU A 162 8.39 -35.76 -9.18
N ASN A 163 8.77 -36.93 -8.66
CA ASN A 163 7.94 -38.13 -8.81
C ASN A 163 6.51 -37.82 -8.40
N ILE A 164 6.34 -37.27 -7.19
CA ILE A 164 5.00 -36.99 -6.68
C ILE A 164 4.32 -35.93 -7.53
N ALA A 165 5.09 -34.93 -7.96
CA ALA A 165 4.52 -33.88 -8.82
C ALA A 165 3.94 -34.47 -10.10
N THR A 166 4.78 -35.17 -10.85
CA THR A 166 4.37 -35.80 -12.10
C THR A 166 3.14 -36.68 -11.91
N ASP A 167 3.09 -37.46 -10.83
CA ASP A 167 1.94 -38.31 -10.55
C ASP A 167 0.71 -37.47 -10.24
N MET A 168 0.90 -36.36 -9.52
CA MET A 168 -0.21 -35.45 -9.28
C MET A 168 -0.72 -34.87 -10.59
N ASP A 169 0.21 -34.47 -11.47
CA ASP A 169 -0.12 -33.84 -12.74
C ASP A 169 -0.95 -34.76 -13.61
N ILE A 170 -0.66 -36.06 -13.57
CA ILE A 170 -1.35 -37.02 -14.43
C ILE A 170 -2.78 -37.23 -13.93
N MET A 171 -2.95 -37.27 -12.60
CA MET A 171 -4.27 -37.48 -12.02
C MET A 171 -5.20 -36.29 -12.27
N ILE A 172 -4.70 -35.07 -12.10
CA ILE A 172 -5.53 -33.89 -12.32
C ILE A 172 -5.94 -33.79 -13.80
N ASP A 173 -5.03 -34.16 -14.70
CA ASP A 173 -5.31 -34.09 -16.14
C ASP A 173 -6.40 -35.07 -16.59
N SER A 174 -6.63 -36.16 -15.83
CA SER A 174 -7.35 -37.33 -16.31
C SER A 174 -8.88 -37.16 -16.42
N PHE A 175 -9.43 -36.01 -16.02
CA PHE A 175 -10.87 -35.79 -16.23
C PHE A 175 -11.22 -35.45 -17.67
N LYS A 176 -10.21 -35.35 -18.57
CA LYS A 176 -10.44 -34.92 -19.94
C LYS A 176 -11.29 -35.91 -20.73
N ALA A 177 -11.27 -37.19 -20.36
CA ALA A 177 -12.05 -38.21 -21.07
C ALA A 177 -13.50 -38.30 -20.60
N ILE A 178 -13.88 -37.52 -19.58
CA ILE A 178 -15.24 -37.39 -19.05
C ILE A 178 -16.00 -38.72 -19.03
N GLY A 179 -15.29 -39.80 -18.66
CA GLY A 179 -15.88 -41.12 -18.51
C GLY A 179 -15.28 -42.17 -19.43
N SER A 180 -14.72 -41.75 -20.56
CA SER A 180 -14.12 -42.68 -21.50
C SER A 180 -12.80 -43.25 -20.98
N ALA A 181 -12.52 -44.49 -21.37
CA ALA A 181 -11.14 -44.95 -21.42
C ALA A 181 -10.38 -44.13 -22.47
N PHE A 182 -9.07 -44.00 -22.28
CA PHE A 182 -8.29 -43.11 -23.13
C PHE A 182 -6.82 -43.54 -23.07
N LYS A 183 -6.04 -42.99 -24.00
CA LYS A 183 -4.59 -43.13 -23.98
C LYS A 183 -4.06 -42.39 -22.77
N GLY A 184 -3.68 -43.13 -21.74
CA GLY A 184 -3.27 -42.56 -20.46
C GLY A 184 -4.14 -42.97 -19.30
N TYR A 185 -5.27 -43.63 -19.54
CA TYR A 185 -6.10 -44.09 -18.44
C TYR A 185 -5.26 -44.92 -17.47
N ARG A 186 -4.53 -45.92 -17.98
CA ARG A 186 -3.79 -46.80 -17.10
C ARG A 186 -2.57 -46.11 -16.48
N ALA A 187 -1.90 -45.22 -17.22
CA ALA A 187 -0.86 -44.40 -16.62
C ALA A 187 -1.38 -43.55 -15.47
N SER A 188 -2.65 -43.14 -15.53
CA SER A 188 -3.22 -42.30 -14.48
C SER A 188 -3.61 -43.13 -13.26
N LYS A 189 -4.12 -44.33 -13.49
CA LYS A 189 -4.42 -45.23 -12.38
C LYS A 189 -3.14 -45.66 -11.67
N ALA A 190 -2.02 -45.79 -12.41
CA ALA A 190 -0.77 -46.16 -11.77
C ALA A 190 -0.23 -45.04 -10.91
N ALA A 191 -0.30 -43.79 -11.41
CA ALA A 191 0.10 -42.64 -10.60
C ALA A 191 -0.79 -42.52 -9.36
N ARG A 192 -2.09 -42.76 -9.50
CA ARG A 192 -2.98 -42.71 -8.35
C ARG A 192 -2.57 -43.74 -7.31
N ARG A 193 -2.31 -44.98 -7.76
CA ARG A 193 -2.02 -46.06 -6.81
C ARG A 193 -0.69 -45.82 -6.09
N ARG A 194 0.34 -45.37 -6.80
CA ARG A 194 1.62 -45.08 -6.15
C ARG A 194 1.45 -44.07 -5.02
N VAL A 195 0.70 -42.99 -5.27
CA VAL A 195 0.51 -41.96 -4.25
C VAL A 195 -0.41 -42.45 -3.15
N GLU A 196 -1.45 -43.21 -3.51
CA GLU A 196 -2.35 -43.76 -2.50
C GLU A 196 -1.59 -44.67 -1.54
N ASP A 197 -0.75 -45.56 -2.09
CA ASP A 197 0.07 -46.44 -1.26
C ASP A 197 0.90 -45.65 -0.25
N TRP A 198 1.63 -44.64 -0.73
CA TRP A 198 2.44 -43.81 0.14
C TRP A 198 1.62 -43.10 1.22
N LEU A 199 0.41 -42.61 0.89
CA LEU A 199 -0.39 -41.95 1.92
C LEU A 199 -1.03 -42.95 2.88
N GLU A 200 -1.37 -44.15 2.41
CA GLU A 200 -1.91 -45.15 3.33
C GLU A 200 -0.86 -45.59 4.32
N ASP A 201 0.39 -45.66 3.88
CA ASP A 201 1.48 -46.01 4.78
C ASP A 201 1.69 -44.91 5.82
N GLN A 202 1.67 -43.64 5.40
CA GLN A 202 1.71 -42.52 6.34
C GLN A 202 0.63 -42.68 7.40
N ILE A 203 -0.59 -43.01 6.97
CA ILE A 203 -1.70 -43.18 7.89
C ILE A 203 -1.42 -44.30 8.88
N ILE A 204 -0.93 -45.45 8.39
CA ILE A 204 -0.72 -46.61 9.25
C ILE A 204 0.43 -46.38 10.23
N GLN A 205 1.51 -45.73 9.78
CA GLN A 205 2.58 -45.36 10.70
C GLN A 205 2.13 -44.33 11.73
N THR A 206 1.17 -43.48 11.38
CA THR A 206 0.64 -42.53 12.35
C THR A 206 -0.20 -43.25 13.40
N ARG A 207 -1.01 -44.22 12.96
CA ARG A 207 -1.88 -44.93 13.89
C ARG A 207 -1.07 -45.83 14.82
N LYS A 208 0.02 -46.40 14.33
CA LYS A 208 0.88 -47.29 15.09
C LYS A 208 1.88 -46.55 15.94
N GLY A 209 1.83 -45.22 15.99
CA GLY A 209 2.77 -44.43 16.76
C GLY A 209 4.18 -44.33 16.23
N LYS A 210 4.44 -44.77 14.99
CA LYS A 210 5.80 -44.74 14.47
C LYS A 210 6.24 -43.39 13.92
N ILE A 211 5.32 -42.59 13.35
CA ILE A 211 5.61 -41.20 13.02
C ILE A 211 4.63 -40.32 13.80
N HIS A 212 4.95 -39.03 13.89
CA HIS A 212 4.17 -38.12 14.72
C HIS A 212 3.88 -36.81 13.99
N PRO A 213 2.91 -36.81 13.07
CA PRO A 213 2.55 -35.57 12.42
C PRO A 213 2.03 -34.57 13.42
N PRO A 214 2.25 -33.28 13.20
CA PRO A 214 1.72 -32.25 14.11
C PRO A 214 0.20 -32.30 14.22
N LYS A 215 -0.30 -32.14 15.44
CA LYS A 215 -1.74 -31.98 15.63
C LYS A 215 -2.27 -30.84 14.76
N GLY A 216 -3.42 -31.08 14.12
CA GLY A 216 -4.04 -30.09 13.28
C GLY A 216 -3.72 -30.22 11.80
N THR A 217 -2.70 -31.00 11.42
CA THR A 217 -2.46 -31.25 10.01
C THR A 217 -3.42 -32.33 9.53
N ALA A 218 -3.70 -32.28 8.23
CA ALA A 218 -4.53 -33.29 7.59
C ALA A 218 -4.12 -34.72 7.99
N LEU A 219 -2.82 -35.04 7.93
CA LEU A 219 -2.41 -36.41 8.25
C LEU A 219 -2.79 -36.81 9.67
N TYR A 220 -2.53 -35.93 10.64
CA TYR A 220 -2.92 -36.20 12.02
C TYR A 220 -4.43 -36.34 12.13
N GLU A 221 -5.18 -35.33 11.67
CA GLU A 221 -6.62 -35.33 11.85
C GLU A 221 -7.29 -36.48 11.10
N PHE A 222 -6.79 -36.81 9.92
CA PHE A 222 -7.45 -37.87 9.16
C PHE A 222 -7.18 -39.21 9.82
N ALA A 223 -5.93 -39.45 10.21
CA ALA A 223 -5.56 -40.69 10.89
C ALA A 223 -6.41 -40.94 12.13
N HIS A 224 -6.67 -39.90 12.92
CA HIS A 224 -7.29 -40.05 14.22
C HIS A 224 -8.79 -39.76 14.21
N TRP A 225 -9.37 -39.44 13.06
CA TRP A 225 -10.79 -39.11 12.98
C TRP A 225 -11.66 -40.37 13.11
N LYS A 226 -12.85 -40.17 13.68
CA LYS A 226 -13.90 -41.18 13.73
C LYS A 226 -15.19 -40.59 13.18
N ASP A 227 -15.94 -41.41 12.44
CA ASP A 227 -17.15 -40.87 11.84
C ASP A 227 -18.28 -40.81 12.88
N TYR A 228 -19.46 -40.35 12.44
CA TYR A 228 -20.54 -40.14 13.39
C TYR A 228 -21.02 -41.45 14.03
N LYS A 229 -20.67 -42.59 13.47
CA LYS A 229 -20.91 -43.87 14.11
C LYS A 229 -19.75 -44.30 14.99
N GLY A 230 -18.74 -43.46 15.13
CA GLY A 230 -17.59 -43.79 15.95
C GLY A 230 -16.54 -44.62 15.27
N GLU A 231 -16.61 -44.80 13.95
CA GLU A 231 -15.61 -45.62 13.29
C GLU A 231 -14.59 -44.75 12.55
N PRO A 232 -13.30 -45.07 12.63
CA PRO A 232 -12.33 -44.42 11.73
C PRO A 232 -12.45 -44.96 10.32
N MET A 233 -11.94 -44.17 9.37
CA MET A 233 -11.86 -44.64 8.00
C MET A 233 -10.79 -45.74 7.88
N ASP A 234 -11.10 -46.77 7.10
CA ASP A 234 -10.09 -47.77 6.74
C ASP A 234 -8.85 -47.08 6.22
N SER A 235 -7.70 -47.74 6.37
CA SER A 235 -6.46 -47.07 6.02
C SER A 235 -6.40 -46.71 4.54
N ARG A 236 -6.99 -47.52 3.67
CA ARG A 236 -6.87 -47.20 2.25
C ARG A 236 -7.77 -46.03 1.88
N LEU A 237 -9.03 -46.06 2.33
CA LEU A 237 -9.91 -44.92 2.09
C LEU A 237 -9.35 -43.66 2.76
N CYS A 238 -8.76 -43.83 3.94
CA CYS A 238 -8.16 -42.70 4.64
C CYS A 238 -7.07 -42.03 3.79
N GLY A 239 -6.21 -42.83 3.17
CA GLY A 239 -5.21 -42.26 2.28
C GLY A 239 -5.83 -41.61 1.06
N ILE A 240 -6.87 -42.23 0.51
CA ILE A 240 -7.56 -41.65 -0.66
C ILE A 240 -8.09 -40.26 -0.33
N ASP A 241 -8.78 -40.12 0.80
CA ASP A 241 -9.33 -38.82 1.13
C ASP A 241 -8.27 -37.86 1.65
N LEU A 242 -7.20 -38.39 2.27
CA LEU A 242 -6.08 -37.53 2.63
C LEU A 242 -5.41 -36.97 1.39
N MET A 243 -5.41 -37.73 0.28
CA MET A 243 -4.88 -37.16 -0.96
C MET A 243 -5.79 -36.07 -1.51
N ASN A 244 -7.10 -36.17 -1.32
CA ASN A 244 -8.02 -35.11 -1.75
C ASN A 244 -7.84 -33.84 -0.98
N THR A 245 -6.88 -33.84 -0.06
CA THR A 245 -6.44 -32.68 0.71
C THR A 245 -5.31 -31.90 0.05
N PHE A 246 -4.54 -32.49 -0.86
CA PHE A 246 -3.46 -31.67 -1.38
C PHE A 246 -3.10 -31.99 -2.84
N ARG A 247 -3.62 -33.08 -3.41
CA ARG A 247 -3.58 -33.18 -4.87
C ARG A 247 -4.31 -32.00 -5.54
N PRO A 248 -5.54 -31.62 -5.14
CA PRO A 248 -6.13 -30.41 -5.75
C PRO A 248 -5.33 -29.17 -5.48
N LEU A 249 -4.60 -29.11 -4.35
CA LEU A 249 -3.73 -27.97 -4.07
C LEU A 249 -2.66 -27.84 -5.13
N ILE A 250 -2.06 -28.98 -5.48
CA ILE A 250 -1.03 -28.97 -6.49
C ILE A 250 -1.62 -28.58 -7.84
N ALA A 251 -2.88 -28.92 -8.09
CA ALA A 251 -3.56 -28.55 -9.34
C ALA A 251 -3.71 -27.04 -9.51
N ILE A 252 -3.48 -26.24 -8.45
CA ILE A 252 -3.49 -24.79 -8.62
C ILE A 252 -2.43 -24.36 -9.62
N ASN A 253 -1.48 -25.22 -9.95
CA ASN A 253 -0.51 -24.85 -10.98
C ASN A 253 -1.19 -24.47 -12.31
N ARG A 254 -2.35 -25.07 -12.64
CA ARG A 254 -3.07 -24.65 -13.84
C ARG A 254 -3.45 -23.16 -13.78
N PHE A 255 -4.01 -22.73 -12.64
CA PHE A 255 -4.40 -21.32 -12.47
C PHE A 255 -3.19 -20.40 -12.44
N ILE A 256 -2.06 -20.87 -11.90
CA ILE A 256 -0.87 -20.02 -11.80
C ILE A 256 -0.34 -19.69 -13.19
N ALA A 257 -0.24 -20.71 -14.05
CA ALA A 257 0.11 -20.49 -15.45
C ALA A 257 -0.86 -19.51 -16.12
N PHE A 258 -2.17 -19.69 -15.88
CA PHE A 258 -3.17 -18.77 -16.42
C PHE A 258 -2.94 -17.36 -15.89
N GLY A 259 -2.59 -17.23 -14.60
CA GLY A 259 -2.35 -15.91 -14.02
C GLY A 259 -1.15 -15.21 -14.63
N ALA A 260 -0.03 -15.95 -14.82
CA ALA A 260 1.13 -15.37 -15.49
C ALA A 260 0.78 -14.90 -16.91
N LEU A 261 -0.06 -15.65 -17.62
CA LEU A 261 -0.47 -15.23 -18.95
C LEU A 261 -1.38 -14.02 -18.89
N ALA A 262 -2.29 -14.00 -17.93
CA ALA A 262 -3.14 -12.83 -17.77
C ALA A 262 -2.32 -11.57 -17.55
N MET A 263 -1.27 -11.64 -16.72
CA MET A 263 -0.41 -10.48 -16.50
C MET A 263 0.33 -10.08 -17.76
N HIS A 264 0.67 -11.06 -18.60
CA HIS A 264 1.40 -10.77 -19.82
C HIS A 264 0.49 -10.10 -20.85
N GLU A 265 -0.71 -10.66 -21.06
CA GLU A 265 -1.71 -10.07 -21.93
C GLU A 265 -2.27 -8.74 -21.42
N ASN A 266 -2.03 -8.38 -20.16
CA ASN A 266 -2.66 -7.20 -19.54
C ASN A 266 -1.63 -6.50 -18.67
N PRO A 267 -0.70 -5.76 -19.28
CA PRO A 267 0.39 -5.13 -18.50
C PRO A 267 -0.07 -4.20 -17.39
N VAL A 268 -1.22 -3.54 -17.54
CA VAL A 268 -1.68 -2.66 -16.48
C VAL A 268 -1.93 -3.45 -15.21
N ALA A 269 -2.39 -4.70 -15.34
CA ALA A 269 -2.72 -5.50 -14.16
C ALA A 269 -1.49 -5.78 -13.32
N ARG A 270 -0.32 -5.85 -13.95
CA ARG A 270 0.91 -6.07 -13.20
C ARG A 270 1.21 -4.89 -12.29
N GLU A 271 1.28 -3.68 -12.85
CA GLU A 271 1.54 -2.49 -12.03
C GLU A 271 0.52 -2.37 -10.90
N LYS A 272 -0.73 -2.78 -11.13
CA LYS A 272 -1.77 -2.63 -10.13
C LYS A 272 -1.71 -3.71 -9.05
N ILE A 273 -1.25 -4.92 -9.39
CA ILE A 273 -1.00 -5.92 -8.36
C ILE A 273 0.08 -5.41 -7.42
N LYS A 274 1.15 -4.84 -7.98
CA LYS A 274 2.23 -4.24 -7.22
C LYS A 274 1.69 -3.26 -6.17
N GLN A 275 0.76 -2.39 -6.58
CA GLN A 275 0.38 -1.22 -5.82
C GLN A 275 -0.70 -1.48 -4.77
N ASP A 276 -1.27 -2.69 -4.72
CA ASP A 276 -2.49 -2.85 -3.93
C ASP A 276 -2.84 -4.33 -3.72
N ASP A 277 -2.88 -4.78 -2.46
CA ASP A 277 -3.14 -6.20 -2.21
C ASP A 277 -4.56 -6.58 -2.60
N ASP A 278 -5.50 -5.64 -2.57
CA ASP A 278 -6.89 -5.96 -2.90
C ASP A 278 -7.09 -6.19 -4.38
N TYR A 279 -6.35 -5.46 -5.23
CA TYR A 279 -6.35 -5.79 -6.64
C TYR A 279 -5.76 -7.18 -6.87
N ALA A 280 -4.75 -7.56 -6.09
CA ALA A 280 -4.16 -8.89 -6.26
C ALA A 280 -5.19 -9.98 -5.98
N TYR A 281 -6.00 -9.79 -4.94
CA TYR A 281 -7.12 -10.70 -4.69
C TYR A 281 -8.10 -10.72 -5.87
N MET A 282 -8.48 -9.53 -6.38
CA MET A 282 -9.47 -9.52 -7.43
C MET A 282 -8.88 -10.09 -8.72
N PHE A 283 -7.58 -9.88 -8.95
CA PHE A 283 -6.91 -10.48 -10.08
C PHE A 283 -6.98 -12.02 -10.01
N ALA A 284 -6.74 -12.58 -8.82
CA ALA A 284 -6.81 -14.04 -8.69
C ALA A 284 -8.24 -14.54 -8.92
N GLN A 285 -9.23 -13.80 -8.44
CA GLN A 285 -10.62 -14.23 -8.66
C GLN A 285 -10.97 -14.19 -10.14
N GLU A 286 -10.50 -13.16 -10.84
CA GLU A 286 -10.76 -13.02 -12.27
C GLU A 286 -10.01 -14.07 -13.08
N VAL A 287 -8.89 -14.58 -12.58
CA VAL A 287 -8.24 -15.70 -13.26
C VAL A 287 -9.11 -16.95 -13.15
N ARG A 288 -9.67 -17.21 -11.97
CA ARG A 288 -10.52 -18.37 -11.81
C ARG A 288 -11.83 -18.25 -12.58
N ARG A 289 -12.32 -17.01 -12.81
CA ARG A 289 -13.54 -16.83 -13.60
C ARG A 289 -13.26 -16.92 -15.09
N PHE A 290 -12.15 -16.33 -15.52
CA PHE A 290 -11.94 -16.11 -16.93
C PHE A 290 -11.39 -17.35 -17.64
N TYR A 291 -10.52 -18.11 -16.99
CA TYR A 291 -9.84 -19.18 -17.71
C TYR A 291 -10.55 -20.52 -17.52
N PRO A 292 -10.38 -21.45 -18.46
CA PRO A 292 -11.13 -22.72 -18.40
C PRO A 292 -10.46 -23.74 -17.49
N PHE A 293 -11.26 -24.35 -16.62
CA PHE A 293 -10.78 -25.45 -15.80
C PHE A 293 -11.92 -26.46 -15.63
N VAL A 294 -12.87 -26.20 -14.74
CA VAL A 294 -13.98 -27.13 -14.59
C VAL A 294 -14.99 -26.80 -15.68
N PRO A 295 -15.34 -27.74 -16.53
CA PRO A 295 -16.28 -27.42 -17.60
C PRO A 295 -17.72 -27.44 -17.12
N TYR A 296 -18.09 -28.41 -16.27
CA TYR A 296 -19.45 -28.72 -15.82
C TYR A 296 -19.33 -29.88 -14.83
N LEU A 297 -20.39 -30.11 -14.06
CA LEU A 297 -20.42 -31.16 -13.03
C LEU A 297 -21.74 -31.91 -13.14
N PRO A 298 -21.75 -33.21 -12.89
CA PRO A 298 -23.00 -33.97 -13.02
C PRO A 298 -23.77 -34.16 -11.71
N GLY A 299 -25.08 -34.31 -11.83
CA GLY A 299 -25.93 -34.76 -10.77
C GLY A 299 -27.16 -35.39 -11.40
N LYS A 300 -28.19 -35.67 -10.61
CA LYS A 300 -29.43 -36.17 -11.17
C LYS A 300 -30.60 -35.71 -10.31
N VAL A 301 -31.81 -35.81 -10.88
CA VAL A 301 -33.01 -35.32 -10.21
C VAL A 301 -33.36 -36.23 -9.04
N LYS A 302 -33.54 -35.62 -7.85
CA LYS A 302 -33.79 -36.38 -6.64
C LYS A 302 -35.25 -36.81 -6.54
N GLU A 303 -36.18 -35.88 -6.75
CA GLU A 303 -37.60 -36.16 -6.91
C GLU A 303 -38.12 -35.22 -7.99
N ASP A 304 -39.32 -35.54 -8.49
CA ASP A 304 -39.93 -34.74 -9.56
C ASP A 304 -40.07 -33.28 -9.13
N PHE A 305 -39.90 -32.39 -10.08
CA PHE A 305 -40.12 -30.98 -9.82
C PHE A 305 -40.29 -30.27 -11.15
N GLN A 306 -40.68 -29.00 -11.07
CA GLN A 306 -40.81 -28.14 -12.24
C GLN A 306 -39.91 -26.94 -12.07
N TYR A 307 -39.45 -26.39 -13.20
CA TYR A 307 -38.49 -25.30 -13.17
C TYR A 307 -38.61 -24.60 -14.51
N LYS A 308 -38.79 -23.28 -14.47
CA LYS A 308 -39.06 -22.46 -15.65
C LYS A 308 -40.03 -23.14 -16.63
N GLY A 309 -41.05 -23.84 -16.12
CA GLY A 309 -42.06 -24.42 -16.99
C GLY A 309 -41.76 -25.80 -17.50
N TYR A 310 -40.58 -26.34 -17.19
CA TYR A 310 -40.18 -27.66 -17.62
C TYR A 310 -40.38 -28.68 -16.50
N ASP A 311 -40.62 -29.92 -16.89
CA ASP A 311 -40.87 -31.01 -15.96
C ASP A 311 -39.60 -31.84 -15.78
N PHE A 312 -39.18 -32.02 -14.54
CA PHE A 312 -37.94 -32.71 -14.22
C PHE A 312 -38.28 -34.03 -13.55
N GLU A 313 -37.91 -35.13 -14.20
CA GLU A 313 -38.29 -36.46 -13.78
C GLU A 313 -37.19 -37.12 -12.95
N LYS A 314 -37.60 -37.74 -11.86
CA LYS A 314 -36.69 -38.40 -10.93
C LYS A 314 -35.74 -39.32 -11.68
N ASP A 315 -34.44 -39.17 -11.38
CA ASP A 315 -33.29 -39.91 -11.89
C ASP A 315 -32.87 -39.42 -13.27
N THR A 316 -33.51 -38.39 -13.82
CA THR A 316 -32.97 -37.77 -15.03
C THR A 316 -31.64 -37.13 -14.71
N MET A 317 -30.65 -37.38 -15.54
CA MET A 317 -29.33 -36.87 -15.30
C MET A 317 -29.28 -35.37 -15.57
N LEU A 318 -28.53 -34.66 -14.73
CA LEU A 318 -28.35 -33.22 -14.81
C LEU A 318 -26.86 -32.88 -14.91
N ALA A 319 -26.59 -31.66 -15.37
CA ALA A 319 -25.23 -31.14 -15.38
C ALA A 319 -25.29 -29.63 -15.17
N ILE A 320 -24.51 -29.12 -14.21
CA ILE A 320 -24.39 -27.68 -14.03
C ILE A 320 -23.24 -27.19 -14.89
N ASP A 321 -23.50 -26.17 -15.69
CA ASP A 321 -22.53 -25.65 -16.64
C ASP A 321 -21.63 -24.66 -15.89
N ILE A 322 -20.41 -25.09 -15.53
CA ILE A 322 -19.52 -24.23 -14.76
C ILE A 322 -18.90 -23.16 -15.64
N TYR A 323 -18.18 -23.57 -16.68
CA TYR A 323 -17.54 -22.60 -17.56
C TYR A 323 -18.58 -21.68 -18.20
N GLY A 324 -19.69 -22.25 -18.66
CA GLY A 324 -20.67 -21.46 -19.40
C GLY A 324 -21.35 -20.42 -18.53
N THR A 325 -21.71 -20.81 -17.29
CA THR A 325 -22.29 -19.82 -16.37
C THR A 325 -21.35 -18.67 -16.12
N MET A 326 -20.06 -18.95 -16.06
CA MET A 326 -19.08 -17.95 -15.73
C MET A 326 -18.76 -17.05 -16.92
N HIS A 327 -19.18 -17.43 -18.13
CA HIS A 327 -19.04 -16.59 -19.31
C HIS A 327 -20.41 -16.24 -19.93
N ASP A 328 -21.47 -16.28 -19.13
CA ASP A 328 -22.78 -15.82 -19.55
C ASP A 328 -22.90 -14.31 -19.36
N PRO A 329 -23.18 -13.54 -20.42
CA PRO A 329 -23.21 -12.06 -20.28
C PRO A 329 -24.27 -11.56 -19.32
N ASP A 330 -25.36 -12.29 -19.11
CA ASP A 330 -26.35 -11.94 -18.11
C ASP A 330 -25.88 -12.23 -16.70
N VAL A 331 -24.72 -12.83 -16.52
CA VAL A 331 -24.15 -13.05 -15.20
C VAL A 331 -22.91 -12.19 -14.97
N TRP A 332 -22.10 -12.01 -16.00
CA TRP A 332 -20.86 -11.26 -15.92
C TRP A 332 -20.80 -10.39 -17.18
N GLU A 333 -21.02 -9.10 -17.00
CA GLU A 333 -20.93 -8.16 -18.10
C GLU A 333 -19.58 -8.27 -18.79
N ASN A 334 -19.59 -8.21 -20.11
CA ASN A 334 -18.40 -8.42 -20.93
C ASN A 334 -17.64 -9.68 -20.49
N PRO A 335 -18.29 -10.85 -20.55
CA PRO A 335 -17.76 -12.03 -19.86
C PRO A 335 -16.45 -12.53 -20.42
N ASN A 336 -16.04 -12.11 -21.62
CA ASN A 336 -14.80 -12.57 -22.22
C ASN A 336 -13.74 -11.48 -22.26
N GLU A 337 -13.91 -10.44 -21.45
CA GLU A 337 -12.85 -9.50 -21.15
C GLU A 337 -12.32 -9.79 -19.74
N PHE A 338 -10.98 -9.83 -19.63
CA PHE A 338 -10.34 -9.97 -18.33
C PHE A 338 -10.37 -8.64 -17.58
N TYR A 339 -11.20 -8.54 -16.55
CA TYR A 339 -11.48 -7.27 -15.90
C TYR A 339 -11.65 -7.47 -14.40
N PRO A 340 -10.53 -7.54 -13.66
CA PRO A 340 -10.61 -7.83 -12.21
C PRO A 340 -11.47 -6.84 -11.44
N GLU A 341 -11.50 -5.57 -11.84
CA GLU A 341 -12.28 -4.56 -11.12
C GLU A 341 -13.77 -4.89 -11.05
N ARG A 342 -14.26 -5.77 -11.94
CA ARG A 342 -15.64 -6.22 -11.88
C ARG A 342 -16.03 -6.74 -10.50
N PHE A 343 -15.05 -7.17 -9.70
CA PHE A 343 -15.37 -7.72 -8.38
C PHE A 343 -15.61 -6.64 -7.34
N LYS A 344 -15.25 -5.38 -7.63
CA LYS A 344 -15.76 -4.28 -6.81
C LYS A 344 -17.29 -4.34 -6.72
N ASP A 345 -17.94 -4.74 -7.81
CA ASP A 345 -19.39 -4.78 -7.91
C ASP A 345 -19.99 -6.13 -7.57
N TRP A 346 -19.18 -7.08 -7.12
CA TRP A 346 -19.65 -8.44 -6.85
C TRP A 346 -20.27 -8.50 -5.47
N ASP A 347 -21.40 -9.18 -5.37
CA ASP A 347 -22.10 -9.30 -4.09
C ASP A 347 -21.79 -10.60 -3.36
N GLY A 348 -20.76 -11.34 -3.78
CA GLY A 348 -20.39 -12.57 -3.08
C GLY A 348 -21.40 -13.69 -3.17
N SER A 349 -22.15 -13.76 -4.27
CA SER A 349 -23.18 -14.79 -4.38
C SER A 349 -22.54 -16.18 -4.46
N PRO A 350 -23.17 -17.21 -3.88
CA PRO A 350 -22.60 -18.57 -3.99
C PRO A 350 -22.87 -19.23 -5.33
N PHE A 351 -23.41 -18.49 -6.31
CA PHE A 351 -23.99 -19.12 -7.49
C PHE A 351 -23.54 -18.52 -8.82
N ASP A 352 -22.61 -17.58 -8.81
CA ASP A 352 -22.10 -17.07 -10.07
C ASP A 352 -20.58 -17.19 -10.21
N LEU A 353 -19.82 -17.03 -9.13
CA LEU A 353 -18.40 -17.34 -9.16
C LEU A 353 -18.27 -18.78 -8.69
N ILE A 354 -18.35 -19.73 -9.62
CA ILE A 354 -18.44 -21.14 -9.23
C ILE A 354 -17.33 -21.98 -9.85
N PRO A 355 -16.11 -21.49 -10.02
CA PRO A 355 -15.11 -22.30 -10.74
C PRO A 355 -14.74 -23.55 -9.99
N GLN A 356 -15.06 -23.63 -8.69
CA GLN A 356 -14.80 -24.83 -7.90
C GLN A 356 -16.07 -25.29 -7.21
N GLY A 357 -17.20 -25.11 -7.90
CA GLY A 357 -18.48 -25.46 -7.33
C GLY A 357 -19.23 -24.24 -6.78
N GLY A 358 -20.53 -24.43 -6.54
CA GLY A 358 -21.36 -23.44 -5.92
C GLY A 358 -22.10 -24.04 -4.76
N GLY A 359 -23.05 -23.29 -4.19
CA GLY A 359 -23.75 -23.76 -3.02
C GLY A 359 -22.97 -23.52 -1.72
N ASP A 360 -23.16 -24.44 -0.79
CA ASP A 360 -22.73 -24.30 0.59
C ASP A 360 -21.64 -25.33 0.91
N TYR A 361 -20.51 -24.86 1.47
CA TYR A 361 -19.40 -25.77 1.80
C TYR A 361 -19.81 -26.91 2.72
N TYR A 362 -20.75 -26.69 3.64
CA TYR A 362 -21.01 -27.73 4.65
C TYR A 362 -22.07 -28.74 4.26
N THR A 363 -23.07 -28.34 3.48
CA THR A 363 -24.14 -29.26 3.06
C THR A 363 -24.16 -29.51 1.55
N ASN A 364 -23.33 -28.83 0.76
CA ASN A 364 -23.14 -29.20 -0.64
C ASN A 364 -21.76 -29.80 -0.85
N HIS A 365 -21.48 -30.17 -2.09
CA HIS A 365 -20.20 -30.76 -2.45
C HIS A 365 -19.21 -29.71 -2.91
N ARG A 366 -19.48 -28.43 -2.62
CA ARG A 366 -18.57 -27.34 -2.95
C ARG A 366 -17.14 -27.61 -2.50
N CYS A 367 -16.16 -27.15 -3.30
CA CYS A 367 -14.75 -27.32 -2.99
C CYS A 367 -14.44 -26.93 -1.55
N ALA A 368 -13.88 -27.87 -0.79
CA ALA A 368 -13.40 -27.55 0.55
C ALA A 368 -12.16 -26.65 0.53
N GLY A 369 -11.50 -26.51 -0.61
CA GLY A 369 -10.23 -25.82 -0.67
C GLY A 369 -10.29 -24.48 -1.35
N GLU A 370 -11.49 -23.91 -1.44
CA GLU A 370 -11.60 -22.64 -2.13
C GLU A 370 -10.72 -21.57 -1.47
N TRP A 371 -10.86 -21.37 -0.15
CA TRP A 371 -10.08 -20.34 0.52
C TRP A 371 -8.58 -20.61 0.38
N MET A 372 -8.17 -21.87 0.52
CA MET A 372 -6.78 -22.21 0.31
C MET A 372 -6.33 -21.82 -1.10
N THR A 373 -7.19 -22.06 -2.09
CA THR A 373 -6.87 -21.72 -3.47
C THR A 373 -6.69 -20.22 -3.64
N ILE A 374 -7.56 -19.42 -3.00
CA ILE A 374 -7.45 -17.97 -3.15
C ILE A 374 -6.18 -17.47 -2.47
N ILE A 375 -5.85 -18.05 -1.32
CA ILE A 375 -4.64 -17.64 -0.59
C ILE A 375 -3.40 -17.93 -1.44
N ILE A 376 -3.33 -19.14 -2.02
CA ILE A 376 -2.16 -19.51 -2.81
C ILE A 376 -2.06 -18.64 -4.06
N MET A 377 -3.18 -18.40 -4.74
CA MET A 377 -3.14 -17.58 -5.96
C MET A 377 -2.73 -16.15 -5.63
N GLN A 378 -3.27 -15.60 -4.55
CA GLN A 378 -2.92 -14.24 -4.17
C GLN A 378 -1.43 -14.10 -3.87
N GLU A 379 -0.90 -15.01 -3.04
CA GLU A 379 0.53 -15.02 -2.77
C GLU A 379 1.33 -15.19 -4.05
N THR A 380 0.97 -16.17 -4.88
CA THR A 380 1.79 -16.42 -6.07
C THR A 380 1.76 -15.24 -7.04
N MET A 381 0.60 -14.61 -7.24
CA MET A 381 0.52 -13.50 -8.19
C MET A 381 1.26 -12.27 -7.66
N LYS A 382 1.17 -12.01 -6.35
CA LYS A 382 1.96 -10.93 -5.76
C LYS A 382 3.44 -11.16 -6.02
N TYR A 383 3.90 -12.39 -5.78
CA TYR A 383 5.29 -12.75 -6.03
C TYR A 383 5.68 -12.42 -7.47
N PHE A 384 4.93 -12.96 -8.46
CA PHE A 384 5.30 -12.80 -9.87
C PHE A 384 5.22 -11.34 -10.31
N ALA A 385 4.25 -10.60 -9.79
CA ALA A 385 4.11 -9.21 -10.21
C ALA A 385 5.20 -8.34 -9.61
N SER A 386 5.56 -8.56 -8.34
CA SER A 386 6.42 -7.59 -7.67
C SER A 386 7.78 -8.10 -7.19
N ARG A 387 8.01 -9.40 -6.98
CA ARG A 387 9.32 -9.84 -6.54
C ARG A 387 10.32 -10.10 -7.67
N ILE A 388 9.87 -10.50 -8.85
CA ILE A 388 10.78 -10.79 -9.94
C ILE A 388 10.37 -10.00 -11.19
N THR A 389 11.33 -9.84 -12.09
CA THR A 389 11.10 -9.44 -13.47
C THR A 389 11.60 -10.56 -14.37
N TYR A 390 11.07 -10.62 -15.59
CA TYR A 390 11.44 -11.70 -16.50
C TYR A 390 11.03 -11.33 -17.92
N ASP A 391 11.58 -12.07 -18.87
CA ASP A 391 11.22 -11.99 -20.27
C ASP A 391 10.25 -13.11 -20.63
N VAL A 392 9.30 -12.82 -21.51
CA VAL A 392 8.43 -13.85 -22.05
C VAL A 392 8.85 -14.13 -23.49
N PRO A 393 9.58 -15.20 -23.75
CA PRO A 393 10.08 -15.42 -25.12
C PRO A 393 8.98 -15.71 -26.13
N GLU A 394 9.37 -16.00 -27.37
CA GLU A 394 8.39 -16.34 -28.39
C GLU A 394 7.92 -17.77 -28.17
N GLN A 395 6.62 -17.97 -28.19
CA GLN A 395 6.07 -19.25 -27.79
C GLN A 395 4.59 -19.30 -28.17
N ASP A 396 4.05 -20.51 -28.08
CA ASP A 396 2.63 -20.76 -28.32
C ASP A 396 1.87 -20.55 -27.00
N LEU A 397 1.24 -19.39 -26.84
CA LEU A 397 0.45 -19.07 -25.65
C LEU A 397 -1.03 -19.39 -25.81
N THR A 398 -1.35 -20.31 -26.70
CA THR A 398 -2.73 -20.56 -27.07
C THR A 398 -3.44 -21.35 -25.98
N VAL A 399 -4.67 -20.94 -25.69
CA VAL A 399 -5.54 -21.67 -24.77
C VAL A 399 -6.71 -22.16 -25.61
N ASP A 400 -6.65 -23.42 -26.04
CA ASP A 400 -7.63 -24.02 -26.93
C ASP A 400 -8.88 -24.38 -26.14
N LEU A 401 -9.91 -23.53 -26.24
CA LEU A 401 -11.16 -23.74 -25.51
C LEU A 401 -11.93 -24.99 -25.93
N ASN A 402 -11.58 -25.59 -27.08
CA ASN A 402 -12.25 -26.83 -27.50
C ASN A 402 -11.61 -28.09 -26.91
N SER A 403 -10.44 -27.98 -26.29
CA SER A 403 -9.73 -29.13 -25.72
C SER A 403 -9.79 -29.10 -24.19
N LEU A 404 -10.39 -30.14 -23.60
CA LEU A 404 -10.24 -30.35 -22.16
C LEU A 404 -8.92 -31.07 -21.88
N PRO A 405 -8.20 -30.68 -20.80
CA PRO A 405 -8.49 -29.55 -19.93
C PRO A 405 -7.84 -28.25 -20.43
N GLY A 406 -8.26 -27.10 -19.88
CA GLY A 406 -7.62 -25.84 -20.22
C GLY A 406 -6.14 -25.78 -19.88
N TYR A 407 -5.32 -25.45 -20.88
CA TYR A 407 -3.88 -25.29 -20.72
C TYR A 407 -3.40 -24.14 -21.57
N VAL A 408 -2.40 -23.42 -21.07
CA VAL A 408 -1.52 -22.66 -21.95
C VAL A 408 -0.65 -23.66 -22.70
N LYS A 409 -0.70 -23.62 -24.02
CA LYS A 409 -0.05 -24.65 -24.82
C LYS A 409 1.42 -24.81 -24.46
N SER A 410 2.12 -23.69 -24.25
CA SER A 410 3.54 -23.77 -23.89
C SER A 410 3.77 -24.04 -22.40
N GLY A 411 2.72 -24.02 -21.57
CA GLY A 411 2.94 -23.98 -20.14
C GLY A 411 3.40 -22.65 -19.63
N PHE A 412 3.44 -21.62 -20.50
CA PHE A 412 3.95 -20.29 -20.22
C PHE A 412 5.40 -20.28 -19.78
N ILE A 413 6.31 -20.07 -20.73
CA ILE A 413 7.75 -20.04 -20.52
C ILE A 413 8.18 -18.63 -20.18
N ILE A 414 9.17 -18.51 -19.31
CA ILE A 414 9.76 -17.21 -19.01
C ILE A 414 11.27 -17.40 -18.97
N GLU A 415 11.98 -16.29 -19.09
CA GLU A 415 13.43 -16.32 -19.06
C GLU A 415 13.95 -15.01 -18.50
N ASN A 416 15.23 -14.98 -18.20
CA ASN A 416 15.90 -13.81 -17.62
C ASN A 416 15.19 -13.33 -16.35
N VAL A 417 14.81 -14.28 -15.49
CA VAL A 417 14.26 -13.97 -14.17
C VAL A 417 15.31 -13.26 -13.32
N ARG A 418 14.90 -12.19 -12.64
CA ARG A 418 15.75 -11.46 -11.71
C ARG A 418 14.93 -10.93 -10.56
N GLU A 419 15.37 -11.22 -9.34
CA GLU A 419 14.72 -10.69 -8.16
C GLU A 419 14.68 -9.16 -8.22
N VAL A 420 13.65 -8.59 -7.60
CA VAL A 420 13.45 -7.15 -7.52
C VAL A 420 13.82 -6.74 -6.10
N VAL A 421 14.90 -6.00 -5.96
CA VAL A 421 15.34 -5.50 -4.65
C VAL A 421 15.79 -4.06 -4.83
N ASP A 422 15.20 -3.15 -4.07
CA ASP A 422 15.59 -1.75 -4.06
C ASP A 422 16.75 -1.56 -3.08
N ARG A 423 17.97 -1.79 -3.57
CA ARG A 423 19.14 -1.71 -2.71
C ARG A 423 19.68 -0.29 -2.52
N ASP A 424 19.24 0.67 -3.33
CA ASP A 424 19.69 2.04 -3.17
C ASP A 424 18.66 2.93 -2.47
N LEU A 425 17.55 2.34 -2.02
CA LEU A 425 16.62 2.99 -1.12
C LEU A 425 17.33 3.40 0.16
N GLU A 426 17.58 4.69 0.34
CA GLU A 426 18.08 5.21 1.60
C GLU A 426 16.96 5.96 2.31
N HIS A 427 17.15 6.17 3.60
CA HIS A 427 16.03 6.73 4.33
C HIS A 427 15.78 8.20 3.99
N HIS A 428 16.56 8.82 3.10
CA HIS A 428 16.21 10.14 2.57
C HIS A 428 15.13 10.08 1.49
N HIS A 429 14.76 8.90 1.00
CA HIS A 429 13.96 8.79 -0.22
C HIS A 429 12.46 8.61 0.07
N ALA B 2 39.81 38.20 -6.97
CA ALA B 2 39.00 38.86 -7.99
C ALA B 2 38.22 39.99 -7.35
N THR B 3 37.20 40.46 -8.06
CA THR B 3 36.33 41.52 -7.54
C THR B 3 34.89 41.00 -7.49
N ILE B 4 34.30 41.05 -6.29
CA ILE B 4 32.90 40.69 -6.13
C ILE B 4 32.03 41.67 -6.91
N LYS B 5 31.16 41.13 -7.75
CA LYS B 5 30.22 41.99 -8.45
C LYS B 5 29.19 42.58 -7.50
N LYS B 6 28.72 43.78 -7.82
CA LYS B 6 28.00 44.64 -6.90
C LYS B 6 26.68 45.03 -7.56
N ASP B 7 25.56 44.95 -6.81
CA ASP B 7 24.30 45.56 -7.26
C ASP B 7 24.29 46.96 -6.67
N LYS B 8 24.67 47.94 -7.48
CA LYS B 8 25.06 49.24 -6.94
C LYS B 8 23.87 49.97 -6.33
N GLY B 9 24.19 50.79 -5.35
CA GLY B 9 23.20 51.51 -4.57
C GLY B 9 23.75 51.79 -3.20
N ILE B 10 23.33 52.91 -2.62
CA ILE B 10 23.82 53.19 -1.28
C ILE B 10 23.04 52.39 -0.25
N ASP B 11 21.80 52.04 -0.57
CA ASP B 11 21.01 51.14 0.28
C ASP B 11 19.90 50.55 -0.58
N ASN B 12 19.99 49.24 -0.85
CA ASN B 12 19.03 48.55 -1.70
C ASN B 12 17.92 47.85 -0.91
N THR B 13 17.76 48.17 0.38
CA THR B 13 16.78 47.48 1.21
C THR B 13 15.39 47.52 0.61
N ALA B 14 14.96 48.70 0.16
CA ALA B 14 13.63 48.84 -0.43
C ALA B 14 13.52 48.01 -1.70
N LYS B 15 14.61 47.99 -2.49
CA LYS B 15 14.62 47.25 -3.74
C LYS B 15 14.63 45.75 -3.49
N ILE B 16 15.42 45.32 -2.50
CA ILE B 16 15.41 43.93 -2.05
C ILE B 16 13.99 43.50 -1.69
N ALA B 17 13.33 44.28 -0.85
CA ALA B 17 11.97 43.91 -0.42
C ALA B 17 11.00 43.83 -1.58
N LYS B 18 11.06 44.80 -2.51
CA LYS B 18 10.09 44.88 -3.58
C LYS B 18 10.19 43.69 -4.52
N GLN B 19 11.40 43.10 -4.64
CA GLN B 19 11.65 41.93 -5.48
C GLN B 19 11.48 40.61 -4.75
N GLY B 20 11.60 40.61 -3.41
CA GLY B 20 11.24 39.42 -2.64
C GLY B 20 12.16 38.25 -2.91
N TYR B 21 11.55 37.08 -3.16
CA TYR B 21 12.32 35.87 -3.38
C TYR B 21 13.09 35.90 -4.71
N LEU B 22 12.77 36.83 -5.61
CA LEU B 22 13.45 36.88 -6.89
C LEU B 22 14.67 37.78 -6.89
N TYR B 23 14.86 38.62 -5.85
CA TYR B 23 15.95 39.58 -5.84
C TYR B 23 17.28 38.95 -6.21
N THR B 24 17.68 37.90 -5.50
CA THR B 24 19.04 37.38 -5.62
C THR B 24 19.28 36.76 -6.99
N THR B 25 18.31 36.02 -7.52
CA THR B 25 18.53 35.46 -8.84
C THR B 25 18.43 36.53 -9.91
N ASN B 26 17.64 37.58 -9.67
CA ASN B 26 17.61 38.72 -10.57
C ASN B 26 18.98 39.37 -10.69
N GLN B 27 19.58 39.72 -9.56
CA GLN B 27 20.89 40.38 -9.60
C GLN B 27 21.94 39.47 -10.23
N ARG B 28 21.99 38.20 -9.83
CA ARG B 28 23.00 37.30 -10.39
C ARG B 28 22.85 37.17 -11.89
N GLU B 29 21.62 37.24 -12.40
CA GLU B 29 21.44 37.19 -13.84
C GLU B 29 21.90 38.48 -14.50
N ARG B 30 21.36 39.61 -14.02
CA ARG B 30 21.78 40.93 -14.49
C ARG B 30 23.31 41.06 -14.51
N LEU B 31 23.95 40.99 -13.34
CA LEU B 31 25.40 41.10 -13.24
C LEU B 31 26.15 39.94 -13.88
N GLY B 32 25.46 38.95 -14.41
CA GLY B 32 26.11 37.77 -14.97
C GLY B 32 27.01 37.04 -13.99
N VAL B 33 26.55 36.87 -12.74
CA VAL B 33 27.35 36.17 -11.73
C VAL B 33 27.20 34.67 -11.95
N LYS B 34 28.33 33.96 -11.95
CA LYS B 34 28.32 32.54 -12.22
C LYS B 34 28.96 31.70 -11.13
N ASP B 35 29.52 32.31 -10.08
CA ASP B 35 30.10 31.56 -8.98
C ASP B 35 29.36 31.75 -7.66
N GLY B 36 28.06 32.05 -7.73
CA GLY B 36 27.24 32.17 -6.54
C GLY B 36 27.73 33.14 -5.48
N VAL B 37 28.39 34.24 -5.87
CA VAL B 37 28.83 35.27 -4.95
C VAL B 37 28.54 36.63 -5.60
N PHE B 38 27.85 37.50 -4.88
CA PHE B 38 27.72 38.90 -5.27
C PHE B 38 27.46 39.71 -4.01
N GLU B 39 27.49 41.04 -4.13
CA GLU B 39 27.30 41.89 -2.97
C GLU B 39 26.36 43.04 -3.27
N THR B 40 25.88 43.65 -2.19
CA THR B 40 24.94 44.76 -2.24
C THR B 40 25.02 45.48 -0.91
N ARG B 41 24.12 46.44 -0.70
CA ARG B 41 24.06 47.18 0.56
C ARG B 41 22.61 47.22 1.02
N GLY B 42 22.41 47.14 2.32
CA GLY B 42 21.08 47.19 2.88
C GLY B 42 21.18 47.36 4.37
N LEU B 43 20.00 47.51 4.99
CA LEU B 43 19.90 47.65 6.44
C LEU B 43 20.69 48.86 6.93
N GLY B 44 20.66 49.92 6.14
CA GLY B 44 21.33 51.15 6.51
C GLY B 44 22.73 51.22 5.95
N GLY B 45 22.85 51.09 4.64
CA GLY B 45 24.15 51.16 4.00
C GLY B 45 25.14 50.11 4.44
N LYS B 46 24.68 49.01 5.04
CA LYS B 46 25.57 47.92 5.41
C LYS B 46 25.98 47.14 4.17
N ARG B 47 27.26 46.81 4.07
CA ARG B 47 27.73 45.97 2.98
C ARG B 47 27.39 44.49 3.25
N ILE B 48 26.79 43.83 2.26
CA ILE B 48 26.30 42.46 2.40
C ILE B 48 26.74 41.63 1.20
N ILE B 49 27.53 40.60 1.45
CA ILE B 49 27.90 39.64 0.40
C ILE B 49 26.97 38.42 0.49
N ILE B 50 26.37 38.08 -0.64
CA ILE B 50 25.33 37.07 -0.69
C ILE B 50 25.90 35.81 -1.32
N LEU B 51 25.95 34.72 -0.55
CA LEU B 51 26.44 33.42 -0.99
C LEU B 51 25.28 32.54 -1.44
N SER B 52 25.57 31.64 -2.40
CA SER B 52 24.54 30.70 -2.86
C SER B 52 25.22 29.42 -3.36
N GLY B 53 24.38 28.42 -3.67
CA GLY B 53 24.85 27.09 -4.01
C GLY B 53 25.24 26.27 -2.78
N LYS B 54 25.53 24.99 -3.04
CA LYS B 54 25.92 24.08 -1.97
C LYS B 54 27.23 24.51 -1.31
N ASP B 55 28.16 25.04 -2.12
CA ASP B 55 29.42 25.51 -1.57
C ASP B 55 29.24 26.82 -0.82
N GLY B 56 28.25 27.61 -1.21
CA GLY B 56 27.91 28.78 -0.42
C GLY B 56 27.34 28.41 0.94
N ALA B 57 26.42 27.44 0.98
CA ALA B 57 25.86 27.00 2.24
C ALA B 57 26.93 26.39 3.15
N GLU B 58 27.78 25.53 2.57
CA GLU B 58 28.83 24.91 3.36
C GLU B 58 29.79 25.95 3.92
N LEU B 59 30.09 27.00 3.14
CA LEU B 59 30.93 28.05 3.67
C LEU B 59 30.19 28.84 4.75
N PHE B 60 28.92 29.15 4.51
CA PHE B 60 28.16 29.97 5.46
C PHE B 60 28.01 29.28 6.80
N TYR B 61 28.01 27.94 6.83
CA TYR B 61 27.87 27.19 8.06
C TYR B 61 29.20 26.69 8.61
N ASP B 62 30.32 27.18 8.08
CA ASP B 62 31.63 26.82 8.62
C ASP B 62 31.90 27.71 9.81
N ASN B 63 31.93 27.13 11.01
CA ASN B 63 32.10 27.93 12.21
C ASN B 63 33.47 28.59 12.30
N ASP B 64 34.39 28.26 11.40
CA ASP B 64 35.66 28.98 11.39
C ASP B 64 35.58 30.29 10.61
N LYS B 65 34.70 30.35 9.61
CA LYS B 65 34.59 31.52 8.76
C LYS B 65 33.50 32.48 9.20
N VAL B 66 32.38 31.97 9.69
CA VAL B 66 31.15 32.75 9.88
C VAL B 66 30.80 32.84 11.36
N GLU B 67 30.43 34.05 11.79
CA GLU B 67 29.81 34.29 13.08
C GLU B 67 28.35 34.65 12.86
N ARG B 68 27.44 34.02 13.60
CA ARG B 68 26.03 34.34 13.45
C ARG B 68 25.54 35.33 14.49
N SER B 69 26.26 35.46 15.61
CA SER B 69 25.81 36.32 16.69
C SER B 69 25.76 37.80 16.27
N GLY B 70 24.69 38.47 16.68
CA GLY B 70 24.58 39.89 16.44
C GLY B 70 24.25 40.30 15.01
N THR B 71 23.93 39.37 14.13
CA THR B 71 23.62 39.70 12.75
C THR B 71 22.13 39.67 12.42
N LEU B 72 21.27 39.29 13.39
CA LEU B 72 19.90 39.47 12.90
C LEU B 72 19.40 40.86 13.26
N PRO B 73 18.60 41.46 12.38
CA PRO B 73 17.97 42.76 12.69
C PRO B 73 17.15 42.69 13.97
N LYS B 74 17.29 43.74 14.81
CA LYS B 74 16.62 43.77 16.11
C LYS B 74 15.11 43.56 15.99
N ARG B 75 14.49 44.10 14.94
CA ARG B 75 13.04 43.98 14.82
C ARG B 75 12.62 42.56 14.50
N VAL B 76 13.46 41.78 13.81
CA VAL B 76 13.18 40.37 13.61
C VAL B 76 13.29 39.62 14.93
N VAL B 77 14.37 39.86 15.66
CA VAL B 77 14.55 39.22 16.96
C VAL B 77 13.41 39.60 17.91
N ASN B 78 12.94 40.84 17.82
CA ASN B 78 11.95 41.35 18.78
C ASN B 78 10.56 40.75 18.58
N THR B 79 10.20 40.41 17.35
CA THR B 79 8.88 39.87 17.05
C THR B 79 8.89 38.38 16.78
N LEU B 80 9.92 37.89 16.08
CA LEU B 80 9.96 36.51 15.63
C LEU B 80 10.58 35.57 16.67
N PHE B 81 11.76 35.90 17.19
CA PHE B 81 12.46 34.96 18.04
C PHE B 81 12.42 35.33 19.52
N GLY B 82 12.32 36.61 19.86
CA GLY B 82 12.42 37.04 21.26
C GLY B 82 13.85 37.35 21.65
N LYS B 83 13.99 38.28 22.60
CA LYS B 83 15.32 38.73 23.00
C LYS B 83 15.99 37.70 23.89
N GLY B 84 17.29 37.48 23.66
CA GLY B 84 18.02 36.42 24.32
C GLY B 84 17.72 35.02 23.83
N ALA B 85 16.85 34.87 22.84
CA ALA B 85 16.44 33.56 22.34
C ALA B 85 17.65 32.76 21.85
N ILE B 86 17.41 31.45 21.65
CA ILE B 86 18.45 30.55 21.16
C ILE B 86 19.07 31.08 19.89
N HIS B 87 18.28 31.73 19.03
CA HIS B 87 18.81 32.21 17.75
C HIS B 87 19.89 33.27 17.94
N THR B 88 19.83 34.03 19.03
CA THR B 88 20.77 35.11 19.28
C THR B 88 22.03 34.67 20.01
N THR B 89 22.15 33.40 20.38
CA THR B 89 23.30 32.93 21.14
C THR B 89 24.37 32.39 20.20
N THR B 90 25.58 32.25 20.75
CA THR B 90 26.71 31.77 19.97
C THR B 90 27.64 30.97 20.88
N GLY B 91 28.51 30.20 20.26
CA GLY B 91 29.56 29.56 21.04
C GLY B 91 29.04 28.53 22.04
N LYS B 92 29.69 28.51 23.21
CA LYS B 92 29.44 27.48 24.21
C LYS B 92 28.02 27.58 24.74
N VAL B 93 27.55 28.81 24.99
CA VAL B 93 26.18 29.04 25.42
C VAL B 93 25.19 28.45 24.41
N HIS B 94 25.45 28.69 23.11
CA HIS B 94 24.54 28.21 22.09
C HIS B 94 24.55 26.70 21.99
N VAL B 95 25.73 26.10 21.92
CA VAL B 95 25.81 24.66 21.74
C VAL B 95 25.14 23.95 22.91
N ASP B 96 25.29 24.52 24.11
CA ASP B 96 24.65 23.99 25.31
C ASP B 96 23.14 24.08 25.22
N ARG B 97 22.60 25.25 24.86
CA ARG B 97 21.16 25.40 24.79
C ARG B 97 20.58 24.59 23.63
N LYS B 98 21.27 24.54 22.49
CA LYS B 98 20.76 23.75 21.37
C LYS B 98 20.65 22.28 21.76
N ALA B 99 21.53 21.81 22.64
CA ALA B 99 21.45 20.43 23.13
C ALA B 99 20.11 20.18 23.82
N LEU B 100 19.66 21.13 24.64
CA LEU B 100 18.35 21.00 25.27
C LEU B 100 17.25 20.90 24.22
N PHE B 101 17.27 21.78 23.22
CA PHE B 101 16.27 21.71 22.16
C PHE B 101 16.30 20.36 21.46
N MET B 102 17.49 19.86 21.13
CA MET B 102 17.56 18.57 20.41
C MET B 102 17.20 17.40 21.30
N SER B 103 17.36 17.54 22.63
CA SER B 103 16.98 16.48 23.54
C SER B 103 15.48 16.14 23.47
N LEU B 104 14.64 17.05 22.95
CA LEU B 104 13.22 16.75 22.79
C LEU B 104 12.91 15.88 21.59
N MET B 105 13.85 15.74 20.65
CA MET B 105 13.55 15.09 19.37
C MET B 105 13.90 13.60 19.37
N THR B 106 13.38 12.87 20.35
CA THR B 106 13.53 11.42 20.49
C THR B 106 12.60 10.69 19.52
N GLU B 107 12.98 9.44 19.15
CA GLU B 107 12.11 8.60 18.30
C GLU B 107 10.69 8.59 18.90
N GLY B 108 10.59 8.60 20.24
CA GLY B 108 9.29 8.48 20.89
C GLY B 108 8.47 9.75 20.94
N ASN B 109 9.13 10.88 21.19
CA ASN B 109 8.41 12.15 21.22
C ASN B 109 7.95 12.56 19.83
N LEU B 110 8.72 12.17 18.80
CA LEU B 110 8.32 12.50 17.45
C LEU B 110 7.15 11.64 17.00
N GLN B 111 7.15 10.37 17.42
CA GLN B 111 6.03 9.48 17.10
C GLN B 111 4.75 9.96 17.76
N TYR B 112 4.85 10.40 19.02
CA TYR B 112 3.73 11.05 19.68
C TYR B 112 3.20 12.23 18.85
N LEU B 113 4.12 13.09 18.38
CA LEU B 113 3.72 14.18 17.49
C LEU B 113 3.00 13.67 16.25
N ARG B 114 3.51 12.59 15.67
CA ARG B 114 2.85 12.02 14.49
C ARG B 114 1.42 11.59 14.80
N GLU B 115 1.21 10.99 15.97
CA GLU B 115 -0.12 10.52 16.33
C GLU B 115 -1.05 11.67 16.64
N LEU B 116 -0.53 12.68 17.37
CA LEU B 116 -1.29 13.89 17.64
C LEU B 116 -1.82 14.49 16.34
N THR B 117 -0.93 14.69 15.36
CA THR B 117 -1.35 15.30 14.09
C THR B 117 -2.41 14.44 13.41
N ARG B 118 -2.11 13.17 13.21
CA ARG B 118 -3.06 12.23 12.59
C ARG B 118 -4.42 12.31 13.28
N ASN B 119 -4.42 12.24 14.60
CA ASN B 119 -5.67 12.10 15.33
C ASN B 119 -6.46 13.41 15.32
N HIS B 120 -5.76 14.55 15.42
CA HIS B 120 -6.43 15.83 15.41
C HIS B 120 -7.11 16.11 14.06
N TRP B 121 -6.45 15.77 12.93
CA TRP B 121 -7.11 15.92 11.64
C TRP B 121 -8.31 14.99 11.50
N LEU B 122 -8.13 13.71 11.82
CA LEU B 122 -9.26 12.78 11.81
C LEU B 122 -10.43 13.32 12.65
N MET B 123 -10.13 13.83 13.85
CA MET B 123 -11.20 14.33 14.70
C MET B 123 -11.78 15.64 14.17
N ASN B 124 -11.01 16.39 13.38
CA ASN B 124 -11.47 17.65 12.83
C ASN B 124 -12.39 17.49 11.60
N THR B 125 -12.53 16.27 11.06
CA THR B 125 -13.26 16.09 9.80
C THR B 125 -14.71 16.56 9.90
N GLN B 126 -15.41 16.20 10.98
CA GLN B 126 -16.83 16.53 11.05
C GLN B 126 -17.06 18.04 11.09
N ARG B 127 -16.20 18.76 11.79
CA ARG B 127 -16.32 20.21 11.84
C ARG B 127 -16.19 20.81 10.45
N MET B 128 -15.14 20.43 9.73
CA MET B 128 -14.94 20.92 8.36
C MET B 128 -16.09 20.53 7.45
N GLU B 129 -16.67 19.34 7.67
CA GLU B 129 -17.87 18.97 6.93
C GLU B 129 -19.02 19.91 7.20
N ASN B 130 -19.03 20.55 8.36
CA ASN B 130 -20.21 21.32 8.73
C ASN B 130 -20.06 22.79 8.38
N MET B 131 -18.83 23.26 8.22
CA MET B 131 -18.58 24.57 7.69
C MET B 131 -19.02 24.63 6.23
N ASP B 132 -19.19 25.84 5.71
CA ASP B 132 -19.45 25.98 4.26
C ASP B 132 -18.13 26.01 3.49
N GLN B 133 -17.26 26.96 3.81
CA GLN B 133 -15.94 27.02 3.22
C GLN B 133 -14.91 26.93 4.35
N VAL B 134 -13.77 26.30 4.05
CA VAL B 134 -12.69 26.13 5.01
C VAL B 134 -11.45 26.78 4.44
N ASN B 135 -10.90 27.74 5.17
CA ASN B 135 -9.62 28.34 4.81
C ASN B 135 -8.51 27.47 5.40
N VAL B 136 -7.80 26.74 4.53
CA VAL B 136 -6.83 25.78 5.04
C VAL B 136 -5.74 26.48 5.85
N TYR B 137 -5.29 27.65 5.37
CA TYR B 137 -4.26 28.41 6.10
C TYR B 137 -4.71 28.70 7.52
N ARG B 138 -5.98 29.06 7.71
CA ARG B 138 -6.49 29.46 9.01
C ARG B 138 -6.86 28.26 9.86
N GLU B 139 -7.59 27.30 9.27
CA GLU B 139 -7.97 26.10 10.00
C GLU B 139 -6.73 25.38 10.55
N SER B 140 -5.65 25.30 9.75
CA SER B 140 -4.42 24.67 10.20
C SER B 140 -3.87 25.34 11.45
N ILE B 141 -4.02 26.65 11.54
CA ILE B 141 -3.46 27.38 12.67
C ILE B 141 -4.10 26.91 13.97
N ILE B 142 -5.41 26.72 13.94
CA ILE B 142 -6.12 26.28 15.13
C ILE B 142 -5.75 24.84 15.46
N LEU B 143 -5.76 23.98 14.44
CA LEU B 143 -5.46 22.58 14.69
C LEU B 143 -4.03 22.39 15.18
N LEU B 144 -3.09 23.19 14.66
CA LEU B 144 -1.70 23.05 15.09
C LEU B 144 -1.44 23.68 16.45
N THR B 145 -2.24 24.65 16.86
CA THR B 145 -2.15 25.17 18.22
C THR B 145 -2.55 24.09 19.24
N LYS B 146 -3.63 23.36 18.96
CA LYS B 146 -4.02 22.28 19.83
C LYS B 146 -2.93 21.21 19.89
N VAL B 147 -2.43 20.80 18.71
CA VAL B 147 -1.39 19.79 18.63
C VAL B 147 -0.14 20.26 19.36
N GLY B 148 0.31 21.47 19.05
CA GLY B 148 1.59 21.93 19.55
C GLY B 148 1.57 22.14 21.05
N THR B 149 0.46 22.63 21.59
CA THR B 149 0.44 22.83 23.04
C THR B 149 0.41 21.49 23.75
N ARG B 150 -0.31 20.51 23.20
CA ARG B 150 -0.29 19.19 23.79
C ARG B 150 1.12 18.61 23.77
N TRP B 151 1.79 18.69 22.62
CA TRP B 151 3.11 18.08 22.52
C TRP B 151 4.14 18.77 23.42
N ALA B 152 3.97 20.07 23.69
CA ALA B 152 4.89 20.75 24.59
C ALA B 152 4.58 20.52 26.05
N GLY B 153 3.46 19.85 26.36
CA GLY B 153 3.16 19.52 27.73
C GLY B 153 2.57 20.67 28.51
N VAL B 154 1.90 21.59 27.84
CA VAL B 154 1.21 22.66 28.53
C VAL B 154 0.06 22.11 29.36
N GLN B 155 -0.05 22.56 30.62
CA GLN B 155 -1.15 22.19 31.52
C GLN B 155 -2.05 23.41 31.68
N ALA B 156 -3.17 23.43 30.95
CA ALA B 156 -4.02 24.61 30.88
C ALA B 156 -5.44 24.19 30.57
N PRO B 157 -6.42 25.04 30.87
CA PRO B 157 -7.81 24.76 30.46
C PRO B 157 -8.03 25.00 28.97
N GLU B 158 -8.98 24.23 28.42
CA GLU B 158 -9.22 24.28 26.98
C GLU B 158 -9.40 25.71 26.50
N LYS B 159 -10.30 26.47 27.16
CA LYS B 159 -10.59 27.85 26.77
C LYS B 159 -9.32 28.68 26.55
N GLU B 160 -8.32 28.49 27.41
CA GLU B 160 -7.04 29.17 27.22
C GLU B 160 -6.40 28.76 25.90
N ILE B 161 -6.56 27.49 25.51
CA ILE B 161 -5.96 27.01 24.27
C ILE B 161 -6.61 27.68 23.05
N GLU B 162 -7.94 27.89 23.08
CA GLU B 162 -8.55 28.64 21.98
C GLU B 162 -8.08 30.09 21.96
N ASN B 163 -7.79 30.66 23.13
CA ASN B 163 -7.34 32.05 23.17
C ASN B 163 -5.95 32.17 22.58
N ILE B 164 -5.06 31.22 22.91
CA ILE B 164 -3.69 31.23 22.39
C ILE B 164 -3.71 31.03 20.88
N ALA B 165 -4.56 30.11 20.41
CA ALA B 165 -4.86 29.96 18.99
C ALA B 165 -5.03 31.33 18.35
N THR B 166 -5.87 32.17 18.97
CA THR B 166 -6.16 33.51 18.47
C THR B 166 -4.93 34.41 18.47
N ASP B 167 -4.19 34.44 19.60
CA ASP B 167 -2.95 35.25 19.64
C ASP B 167 -1.91 34.75 18.65
N MET B 168 -1.85 33.44 18.42
CA MET B 168 -0.96 32.88 17.40
C MET B 168 -1.46 33.23 15.99
N ASP B 169 -2.79 33.29 15.83
CA ASP B 169 -3.39 33.86 14.61
C ASP B 169 -2.96 35.32 14.44
N ILE B 170 -2.75 36.06 15.53
CA ILE B 170 -2.35 37.47 15.39
C ILE B 170 -0.85 37.61 15.12
N MET B 171 -0.02 36.78 15.75
CA MET B 171 1.43 36.89 15.57
C MET B 171 1.83 36.74 14.11
N ILE B 172 1.12 35.88 13.36
CA ILE B 172 1.56 35.49 12.03
C ILE B 172 1.34 36.61 11.00
N ASP B 173 0.20 37.30 11.10
CA ASP B 173 -0.22 38.34 10.13
C ASP B 173 0.76 39.52 9.99
N ILE B 178 12.06 43.25 6.76
CA ILE B 178 13.24 42.42 7.01
C ILE B 178 14.18 43.17 7.95
N GLY B 179 13.60 43.81 8.96
CA GLY B 179 14.36 44.60 9.91
C GLY B 179 13.89 46.04 10.05
N SER B 180 12.99 46.50 9.18
CA SER B 180 12.52 47.88 9.19
C SER B 180 11.26 48.02 10.03
N ALA B 181 10.82 49.28 10.19
CA ALA B 181 9.55 49.59 10.83
C ALA B 181 8.41 49.34 9.86
N PHE B 182 7.49 48.46 10.23
CA PHE B 182 6.37 48.07 9.38
C PHE B 182 5.07 48.24 10.16
N LYS B 183 3.97 48.34 9.40
CA LYS B 183 2.64 48.42 10.00
C LYS B 183 2.27 47.05 10.56
N GLY B 184 2.09 46.98 11.87
CA GLY B 184 1.85 45.73 12.55
C GLY B 184 2.94 45.35 13.53
N TYR B 185 4.11 46.00 13.47
CA TYR B 185 5.16 45.77 14.44
C TYR B 185 4.65 45.89 15.87
N ARG B 186 3.74 46.84 16.11
CA ARG B 186 3.19 47.05 17.46
C ARG B 186 2.30 45.90 17.89
N ALA B 187 1.35 45.47 17.05
CA ALA B 187 0.47 44.39 17.47
C ALA B 187 1.20 43.04 17.51
N SER B 188 2.28 42.90 16.76
CA SER B 188 3.06 41.68 16.80
C SER B 188 3.74 41.52 18.14
N LYS B 189 4.34 42.61 18.64
CA LYS B 189 4.97 42.57 19.95
C LYS B 189 3.94 42.37 21.06
N ALA B 190 2.71 42.81 20.84
CA ALA B 190 1.69 42.63 21.86
C ALA B 190 1.32 41.15 22.00
N ALA B 191 1.04 40.49 20.88
CA ALA B 191 0.75 39.06 20.92
C ALA B 191 1.98 38.26 21.38
N ARG B 192 3.17 38.67 20.92
CA ARG B 192 4.43 38.19 21.47
C ARG B 192 4.40 38.10 22.99
N ARG B 193 4.21 39.25 23.66
CA ARG B 193 4.28 39.28 25.11
C ARG B 193 3.17 38.46 25.74
N ARG B 194 1.99 38.43 25.10
CA ARG B 194 0.89 37.68 25.67
C ARG B 194 1.24 36.20 25.79
N VAL B 195 1.76 35.61 24.71
CA VAL B 195 2.13 34.19 24.74
C VAL B 195 3.34 33.96 25.64
N GLU B 196 4.27 34.91 25.67
CA GLU B 196 5.43 34.79 26.56
C GLU B 196 5.03 34.84 28.03
N ASP B 197 4.07 35.72 28.39
CA ASP B 197 3.55 35.75 29.76
C ASP B 197 2.95 34.41 30.14
N TRP B 198 2.07 33.89 29.28
CA TRP B 198 1.42 32.62 29.51
C TRP B 198 2.45 31.51 29.74
N LEU B 199 3.50 31.45 28.90
CA LEU B 199 4.47 30.37 29.02
C LEU B 199 5.42 30.61 30.19
N GLU B 200 5.74 31.88 30.49
CA GLU B 200 6.53 32.15 31.69
C GLU B 200 5.77 31.71 32.93
N ASP B 201 4.44 31.86 32.91
CA ASP B 201 3.64 31.38 34.02
C ASP B 201 3.72 29.86 34.14
N GLN B 202 3.57 29.15 33.02
CA GLN B 202 3.71 27.69 33.00
C GLN B 202 5.04 27.27 33.62
N ILE B 203 6.11 27.93 33.22
CA ILE B 203 7.45 27.64 33.75
C ILE B 203 7.47 27.82 35.27
N ILE B 204 6.95 28.95 35.75
CA ILE B 204 6.98 29.26 37.18
C ILE B 204 6.15 28.26 37.97
N GLN B 205 4.92 28.01 37.51
CA GLN B 205 4.07 27.04 38.19
C GLN B 205 4.68 25.64 38.17
N THR B 206 5.41 25.30 37.11
CA THR B 206 6.09 24.00 37.11
C THR B 206 7.18 23.97 38.17
N ARG B 207 7.99 25.02 38.25
CA ARG B 207 9.09 25.05 39.21
C ARG B 207 8.56 25.03 40.64
N LYS B 208 7.48 25.77 40.91
CA LYS B 208 6.79 25.82 42.20
C LYS B 208 6.00 24.55 42.52
N GLY B 209 6.07 23.51 41.70
CA GLY B 209 5.30 22.32 42.02
C GLY B 209 3.79 22.45 41.95
N LYS B 210 3.25 23.57 41.44
CA LYS B 210 1.80 23.75 41.33
C LYS B 210 1.17 22.98 40.17
N ILE B 211 1.90 22.72 39.09
CA ILE B 211 1.44 21.88 37.99
C ILE B 211 2.56 20.91 37.65
N HIS B 212 2.19 19.82 36.99
CA HIS B 212 3.11 18.72 36.73
C HIS B 212 3.03 18.26 35.28
N PRO B 213 3.85 18.81 34.39
CA PRO B 213 3.90 18.30 33.03
C PRO B 213 4.66 16.99 32.97
N PRO B 214 4.31 16.09 32.06
CA PRO B 214 5.05 14.82 31.96
C PRO B 214 6.53 15.06 31.68
N LYS B 215 7.37 14.24 32.30
CA LYS B 215 8.79 14.32 32.00
C LYS B 215 9.00 14.03 30.51
N GLY B 216 10.01 14.68 29.93
CA GLY B 216 10.26 14.60 28.51
C GLY B 216 9.47 15.57 27.65
N THR B 217 8.52 16.32 28.20
CA THR B 217 7.91 17.37 27.41
C THR B 217 8.78 18.61 27.45
N ALA B 218 8.59 19.48 26.45
CA ALA B 218 9.28 20.76 26.41
C ALA B 218 9.04 21.59 27.68
N LEU B 219 7.79 21.66 28.17
CA LEU B 219 7.55 22.43 29.39
C LEU B 219 8.37 21.88 30.55
N TYR B 220 8.36 20.56 30.72
CA TYR B 220 9.11 19.93 31.81
C TYR B 220 10.60 20.15 31.66
N GLU B 221 11.16 19.79 30.49
CA GLU B 221 12.60 19.83 30.32
C GLU B 221 13.14 21.25 30.41
N PHE B 222 12.41 22.23 29.88
CA PHE B 222 12.91 23.61 29.94
C PHE B 222 12.84 24.15 31.36
N ALA B 223 11.78 23.82 32.10
CA ALA B 223 11.65 24.32 33.46
C ALA B 223 12.75 23.80 34.37
N HIS B 224 13.21 22.56 34.16
CA HIS B 224 14.17 21.91 35.06
C HIS B 224 15.58 21.87 34.51
N TRP B 225 15.85 22.50 33.38
CA TRP B 225 17.17 22.45 32.76
C TRP B 225 18.12 23.39 33.47
N LYS B 226 19.38 22.98 33.55
CA LYS B 226 20.46 23.87 33.99
C LYS B 226 21.51 23.91 32.88
N ASP B 227 22.05 25.09 32.62
CA ASP B 227 23.08 25.20 31.60
C ASP B 227 24.38 24.60 32.11
N TYR B 228 25.39 24.57 31.24
CA TYR B 228 26.68 23.98 31.54
C TYR B 228 27.37 24.62 32.75
N LYS B 229 26.91 25.78 33.22
CA LYS B 229 27.38 26.40 34.46
C LYS B 229 26.56 26.02 35.68
N GLY B 230 25.58 25.14 35.53
CA GLY B 230 24.67 24.81 36.61
C GLY B 230 23.55 25.79 36.85
N GLU B 231 23.45 26.85 36.05
CA GLU B 231 22.39 27.85 36.18
C GLU B 231 21.16 27.44 35.35
N PRO B 232 19.96 27.58 35.88
CA PRO B 232 18.76 27.45 35.04
C PRO B 232 18.50 28.74 34.28
N MET B 233 17.62 28.64 33.30
CA MET B 233 17.17 29.82 32.58
C MET B 233 16.21 30.62 33.45
N ASP B 234 16.39 31.95 33.48
CA ASP B 234 15.40 32.83 34.09
C ASP B 234 14.02 32.56 33.48
N SER B 235 12.98 32.71 34.28
CA SER B 235 11.66 32.29 33.82
C SER B 235 11.17 33.06 32.59
N ARG B 236 11.65 34.28 32.37
CA ARG B 236 11.24 34.98 31.14
C ARG B 236 11.99 34.45 29.93
N LEU B 237 13.32 34.29 30.04
CA LEU B 237 14.08 33.66 28.97
C LEU B 237 13.56 32.27 28.69
N CYS B 238 13.16 31.57 29.75
CA CYS B 238 12.70 30.20 29.65
C CYS B 238 11.39 30.10 28.89
N GLY B 239 10.49 31.06 29.10
CA GLY B 239 9.27 31.10 28.32
C GLY B 239 9.49 31.55 26.90
N ILE B 240 10.49 32.40 26.67
CA ILE B 240 10.82 32.80 25.29
C ILE B 240 11.30 31.59 24.50
N ASP B 241 12.28 30.87 25.04
CA ASP B 241 12.81 29.73 24.29
C ASP B 241 11.86 28.55 24.30
N LEU B 242 11.05 28.38 25.36
CA LEU B 242 9.97 27.41 25.28
C LEU B 242 9.01 27.75 24.15
N MET B 243 8.89 29.03 23.82
CA MET B 243 7.98 29.37 22.73
C MET B 243 8.60 29.06 21.39
N ASN B 244 9.93 29.09 21.29
CA ASN B 244 10.58 28.71 20.04
C ASN B 244 10.51 27.23 19.77
N THR B 245 9.71 26.57 20.61
CA THR B 245 9.41 25.14 20.52
C THR B 245 8.07 24.87 19.85
N PHE B 246 7.15 25.84 19.80
CA PHE B 246 5.90 25.47 19.16
C PHE B 246 5.19 26.63 18.42
N ARG B 247 5.63 27.89 18.58
CA ARG B 247 5.05 28.79 17.57
C ARG B 247 5.55 28.40 16.17
N PRO B 248 6.83 28.03 15.94
CA PRO B 248 7.20 27.57 14.59
C PRO B 248 6.42 26.36 14.15
N LEU B 249 6.05 25.49 15.10
CA LEU B 249 5.13 24.41 14.79
C LEU B 249 3.87 24.96 14.12
N ILE B 250 3.33 26.04 14.67
CA ILE B 250 2.09 26.62 14.14
C ILE B 250 2.33 27.28 12.79
N ALA B 251 3.55 27.79 12.56
CA ALA B 251 3.92 28.34 11.26
C ALA B 251 3.95 27.31 10.13
N ILE B 252 3.95 26.01 10.44
CA ILE B 252 3.87 24.99 9.41
C ILE B 252 2.60 25.14 8.58
N ASN B 253 1.60 25.86 9.10
CA ASN B 253 0.38 26.09 8.33
C ASN B 253 0.68 26.74 6.98
N ARG B 254 1.75 27.55 6.89
CA ARG B 254 2.16 28.09 5.59
C ARG B 254 2.47 26.97 4.61
N PHE B 255 3.31 26.02 5.03
CA PHE B 255 3.64 24.87 4.17
C PHE B 255 2.42 24.02 3.90
N ILE B 256 1.44 24.03 4.80
CA ILE B 256 0.30 23.13 4.61
C ILE B 256 -0.59 23.67 3.50
N ALA B 257 -0.82 24.98 3.48
CA ALA B 257 -1.61 25.56 2.40
C ALA B 257 -0.87 25.45 1.07
N PHE B 258 0.46 25.56 1.11
CA PHE B 258 1.26 25.32 -0.09
C PHE B 258 1.06 23.90 -0.60
N GLY B 259 1.18 22.92 0.31
CA GLY B 259 1.07 21.52 -0.10
C GLY B 259 -0.31 21.18 -0.64
N ALA B 260 -1.36 21.76 -0.07
CA ALA B 260 -2.69 21.54 -0.59
C ALA B 260 -2.82 22.09 -2.00
N LEU B 261 -2.21 23.27 -2.26
CA LEU B 261 -2.18 23.81 -3.61
C LEU B 261 -1.37 22.90 -4.54
N ALA B 262 -0.18 22.48 -4.10
CA ALA B 262 0.63 21.59 -4.90
C ALA B 262 -0.15 20.35 -5.33
N MET B 263 -0.99 19.80 -4.44
CA MET B 263 -1.87 18.70 -4.82
C MET B 263 -2.87 19.14 -5.88
N HIS B 264 -3.45 20.33 -5.70
CA HIS B 264 -4.48 20.81 -6.62
C HIS B 264 -3.92 21.05 -8.01
N GLU B 265 -2.66 21.45 -8.11
CA GLU B 265 -1.98 21.66 -9.38
C GLU B 265 -1.35 20.40 -9.94
N ASN B 266 -1.33 19.30 -9.19
CA ASN B 266 -0.68 18.06 -9.63
C ASN B 266 -1.50 16.87 -9.15
N PRO B 267 -2.68 16.65 -9.74
CA PRO B 267 -3.54 15.51 -9.32
C PRO B 267 -2.81 14.18 -9.18
N VAL B 268 -1.90 13.86 -10.10
CA VAL B 268 -1.14 12.62 -10.02
C VAL B 268 -0.40 12.53 -8.68
N ALA B 269 0.12 13.66 -8.20
CA ALA B 269 0.82 13.66 -6.93
C ALA B 269 -0.12 13.25 -5.80
N ARG B 270 -1.37 13.73 -5.83
CA ARG B 270 -2.33 13.33 -4.82
C ARG B 270 -2.52 11.83 -4.81
N GLU B 271 -2.89 11.26 -5.97
CA GLU B 271 -3.12 9.81 -6.04
C GLU B 271 -1.90 9.04 -5.59
N LYS B 272 -0.71 9.53 -5.91
CA LYS B 272 0.50 8.86 -5.47
C LYS B 272 0.64 8.96 -3.95
N ILE B 273 0.22 10.07 -3.35
CA ILE B 273 0.22 10.15 -1.89
C ILE B 273 -0.65 9.04 -1.32
N LYS B 274 -1.81 8.81 -1.94
CA LYS B 274 -2.70 7.75 -1.46
C LYS B 274 -2.01 6.39 -1.50
N GLN B 275 -1.36 6.06 -2.62
CA GLN B 275 -0.86 4.71 -2.88
C GLN B 275 0.41 4.36 -2.13
N ASP B 276 1.13 5.34 -1.58
CA ASP B 276 2.52 5.14 -1.16
C ASP B 276 2.89 6.23 -0.15
N ASP B 277 3.36 5.81 1.04
CA ASP B 277 3.71 6.73 2.12
C ASP B 277 5.13 7.26 2.00
N ASP B 278 6.04 6.50 1.38
CA ASP B 278 7.34 7.05 1.05
C ASP B 278 7.20 8.21 0.07
N TYR B 279 6.14 8.18 -0.76
CA TYR B 279 5.91 9.30 -1.67
C TYR B 279 5.40 10.53 -0.92
N ALA B 280 4.47 10.32 0.01
CA ALA B 280 4.02 11.40 0.87
C ALA B 280 5.21 12.13 1.48
N TYR B 281 6.25 11.39 1.89
CA TYR B 281 7.42 12.05 2.43
C TYR B 281 8.17 12.86 1.38
N MET B 282 8.31 12.33 0.16
CA MET B 282 8.98 13.10 -0.88
C MET B 282 8.13 14.29 -1.33
N PHE B 283 6.81 14.13 -1.35
CA PHE B 283 5.95 15.27 -1.62
C PHE B 283 6.11 16.36 -0.57
N ALA B 284 6.17 15.98 0.71
CA ALA B 284 6.36 16.97 1.76
C ALA B 284 7.70 17.66 1.62
N GLN B 285 8.74 16.92 1.23
CA GLN B 285 10.05 17.55 1.08
C GLN B 285 10.06 18.49 -0.12
N GLU B 286 9.31 18.16 -1.16
CA GLU B 286 9.33 18.98 -2.36
C GLU B 286 8.53 20.27 -2.16
N VAL B 287 7.47 20.23 -1.35
CA VAL B 287 6.79 21.46 -0.97
C VAL B 287 7.74 22.40 -0.24
N ARG B 288 8.57 21.85 0.66
CA ARG B 288 9.51 22.73 1.35
C ARG B 288 10.56 23.30 0.40
N ARG B 289 10.90 22.56 -0.68
CA ARG B 289 11.95 23.01 -1.61
C ARG B 289 11.42 24.01 -2.63
N PHE B 290 10.19 23.82 -3.08
CA PHE B 290 9.63 24.56 -4.20
C PHE B 290 9.01 25.88 -3.78
N TYR B 291 8.29 25.91 -2.61
CA TYR B 291 7.50 27.09 -2.29
C TYR B 291 8.28 28.12 -1.47
N PRO B 292 7.98 29.41 -1.62
CA PRO B 292 8.76 30.45 -0.92
C PRO B 292 8.40 30.53 0.56
N PHE B 293 9.42 30.46 1.41
CA PHE B 293 9.23 30.67 2.84
C PHE B 293 10.40 31.50 3.37
N VAL B 294 11.52 30.86 3.70
CA VAL B 294 12.65 31.64 4.20
C VAL B 294 13.42 32.16 2.99
N PRO B 295 13.64 33.47 2.88
CA PRO B 295 14.33 33.97 1.68
C PRO B 295 15.83 33.78 1.76
N TYR B 296 16.42 34.11 2.91
CA TYR B 296 17.86 34.14 3.14
C TYR B 296 18.09 34.37 4.63
N LEU B 297 19.32 34.09 5.10
CA LEU B 297 19.66 34.30 6.51
C LEU B 297 20.97 35.06 6.64
N PRO B 298 21.13 35.90 7.64
CA PRO B 298 22.33 36.73 7.73
C PRO B 298 23.38 36.13 8.64
N GLY B 299 24.63 36.48 8.32
CA GLY B 299 25.76 36.22 9.19
C GLY B 299 26.84 37.27 8.97
N LYS B 300 28.05 36.99 9.44
CA LYS B 300 29.16 37.92 9.31
C LYS B 300 30.45 37.11 9.29
N VAL B 301 31.49 37.68 8.67
CA VAL B 301 32.78 37.01 8.60
C VAL B 301 33.39 36.97 10.00
N LYS B 302 33.84 35.77 10.41
CA LYS B 302 34.38 35.67 11.77
C LYS B 302 35.84 36.10 11.82
N GLU B 303 36.65 35.61 10.88
CA GLU B 303 38.01 36.08 10.67
C GLU B 303 38.27 36.09 9.16
N ASP B 304 39.22 36.94 8.76
CA ASP B 304 39.55 37.09 7.36
C ASP B 304 39.80 35.73 6.73
N PHE B 305 39.31 35.55 5.51
CA PHE B 305 39.57 34.34 4.75
C PHE B 305 39.32 34.66 3.29
N GLN B 306 39.86 33.83 2.41
CA GLN B 306 39.57 33.97 0.99
C GLN B 306 38.78 32.76 0.52
N TYR B 307 37.89 32.99 -0.44
CA TYR B 307 37.00 31.98 -0.96
C TYR B 307 36.70 32.34 -2.41
N LYS B 308 36.95 31.40 -3.32
CA LYS B 308 36.74 31.61 -4.75
C LYS B 308 37.52 32.82 -5.27
N GLY B 309 38.73 33.00 -4.75
CA GLY B 309 39.60 34.13 -5.09
C GLY B 309 39.31 35.42 -4.35
N TYR B 310 38.05 35.68 -4.05
CA TYR B 310 37.65 36.89 -3.34
C TYR B 310 38.17 36.90 -1.91
N ASP B 311 38.53 38.10 -1.42
CA ASP B 311 38.99 38.26 -0.06
C ASP B 311 37.80 38.65 0.82
N PHE B 312 37.66 37.98 1.98
CA PHE B 312 36.54 38.18 2.88
C PHE B 312 37.06 38.78 4.19
N GLU B 313 36.59 39.96 4.51
CA GLU B 313 37.13 40.75 5.60
C GLU B 313 36.33 40.48 6.86
N LYS B 314 37.04 40.24 7.97
CA LYS B 314 36.39 40.04 9.24
C LYS B 314 35.38 41.17 9.48
N ASP B 315 34.18 40.78 9.91
CA ASP B 315 33.02 41.57 10.27
C ASP B 315 32.21 42.02 9.07
N THR B 316 32.61 41.71 7.84
CA THR B 316 31.75 41.95 6.70
C THR B 316 30.50 41.09 6.81
N MET B 317 29.34 41.69 6.52
CA MET B 317 28.09 40.99 6.72
C MET B 317 27.79 40.05 5.55
N LEU B 318 27.43 38.81 5.86
CA LEU B 318 27.12 37.79 4.86
C LEU B 318 25.62 37.50 4.84
N ALA B 319 25.19 36.86 3.76
CA ALA B 319 23.84 36.31 3.69
C ALA B 319 23.88 35.05 2.83
N ILE B 320 23.34 33.94 3.34
CA ILE B 320 23.11 32.73 2.57
C ILE B 320 21.69 32.81 2.05
N ASP B 321 21.49 32.72 0.74
CA ASP B 321 20.11 32.84 0.29
C ASP B 321 19.54 31.45 0.10
N ILE B 322 18.50 31.20 0.89
CA ILE B 322 17.82 29.92 0.96
C ILE B 322 17.03 29.68 -0.31
N TYR B 323 16.11 30.58 -0.65
CA TYR B 323 15.24 30.36 -1.81
C TYR B 323 16.04 30.21 -3.10
N GLY B 324 17.06 31.06 -3.30
CA GLY B 324 17.82 30.98 -4.54
C GLY B 324 18.63 29.71 -4.67
N THR B 325 19.32 29.32 -3.59
CA THR B 325 20.07 28.06 -3.59
C THR B 325 19.19 26.89 -3.93
N MET B 326 17.91 26.95 -3.57
CA MET B 326 16.99 25.85 -3.79
C MET B 326 16.34 25.90 -5.16
N HIS B 327 16.44 27.03 -5.86
CA HIS B 327 15.95 27.15 -7.23
C HIS B 327 17.09 27.41 -8.22
N ASP B 328 18.31 27.02 -7.85
CA ASP B 328 19.51 27.05 -8.65
C ASP B 328 19.59 25.77 -9.47
N PRO B 329 19.45 25.85 -10.80
CA PRO B 329 19.45 24.62 -11.62
C PRO B 329 20.76 23.83 -11.56
N ASP B 330 21.87 24.46 -11.16
CA ASP B 330 23.07 23.68 -10.91
C ASP B 330 22.93 22.78 -9.69
N VAL B 331 21.97 23.05 -8.82
CA VAL B 331 21.79 22.27 -7.59
C VAL B 331 20.57 21.37 -7.68
N TRP B 332 19.47 21.87 -8.21
CA TRP B 332 18.26 21.09 -8.40
C TRP B 332 17.89 21.15 -9.86
N GLU B 333 17.99 20.01 -10.54
CA GLU B 333 17.58 19.92 -11.94
C GLU B 333 16.13 20.37 -12.10
N ASN B 334 15.90 21.25 -13.06
CA ASN B 334 14.57 21.76 -13.36
C ASN B 334 13.96 22.34 -12.08
N PRO B 335 14.63 23.31 -11.44
CA PRO B 335 14.27 23.68 -10.06
C PRO B 335 12.88 24.28 -9.93
N ASN B 336 12.21 24.60 -11.03
CA ASN B 336 10.92 25.29 -10.95
C ASN B 336 9.78 24.42 -11.45
N GLU B 337 10.00 23.13 -11.58
CA GLU B 337 8.92 22.15 -11.72
C GLU B 337 8.78 21.39 -10.41
N PHE B 338 7.53 21.24 -9.96
CA PHE B 338 7.22 20.45 -8.78
C PHE B 338 7.41 18.97 -9.09
N TYR B 339 8.50 18.39 -8.59
CA TYR B 339 8.91 17.03 -8.94
C TYR B 339 9.34 16.28 -7.68
N PRO B 340 8.37 15.71 -6.94
CA PRO B 340 8.74 15.00 -5.69
C PRO B 340 9.68 13.82 -5.92
N GLU B 341 9.58 13.13 -7.06
CA GLU B 341 10.43 11.97 -7.31
C GLU B 341 11.91 12.33 -7.34
N ARG B 342 12.26 13.60 -7.56
CA ARG B 342 13.66 14.00 -7.55
C ARG B 342 14.36 13.56 -6.27
N PHE B 343 13.61 13.28 -5.21
CA PHE B 343 14.22 12.95 -3.94
C PHE B 343 14.66 11.50 -3.83
N LYS B 344 14.31 10.64 -4.79
CA LYS B 344 14.96 9.32 -4.78
C LYS B 344 16.38 9.37 -5.34
N ASP B 345 16.81 10.47 -5.96
CA ASP B 345 18.20 10.66 -6.33
C ASP B 345 18.99 11.53 -5.36
N TRP B 346 18.35 12.02 -4.29
CA TRP B 346 19.01 12.92 -3.35
C TRP B 346 19.88 12.13 -2.39
N ASP B 347 21.02 12.71 -2.04
CA ASP B 347 21.99 12.07 -1.17
C ASP B 347 21.95 12.58 0.26
N GLY B 348 20.93 13.37 0.63
CA GLY B 348 20.83 13.85 1.99
C GLY B 348 21.88 14.85 2.39
N SER B 349 22.38 15.65 1.44
CA SER B 349 23.39 16.64 1.75
C SER B 349 22.81 17.70 2.68
N PRO B 350 23.57 18.15 3.69
CA PRO B 350 23.11 19.25 4.54
C PRO B 350 23.15 20.62 3.89
N PHE B 351 23.33 20.70 2.56
CA PHE B 351 23.67 21.97 1.93
C PHE B 351 22.88 22.25 0.66
N ASP B 352 21.88 21.45 0.31
CA ASP B 352 21.08 21.81 -0.85
C ASP B 352 19.59 21.93 -0.56
N LEU B 353 19.03 21.05 0.28
CA LEU B 353 17.66 21.22 0.77
C LEU B 353 17.77 21.94 2.12
N ILE B 354 17.65 23.26 2.09
CA ILE B 354 17.92 24.06 3.28
C ILE B 354 16.77 25.01 3.58
N PRO B 355 15.50 24.60 3.46
CA PRO B 355 14.41 25.56 3.69
C PRO B 355 14.34 26.04 5.11
N GLN B 356 14.92 25.31 6.05
CA GLN B 356 14.97 25.65 7.46
C GLN B 356 16.40 25.69 7.94
N GLY B 357 17.32 26.03 7.03
CA GLY B 357 18.73 26.13 7.32
C GLY B 357 19.51 24.89 6.88
N GLY B 358 20.83 25.05 6.84
CA GLY B 358 21.71 23.95 6.47
C GLY B 358 22.76 23.72 7.52
N GLY B 359 23.72 22.84 7.23
CA GLY B 359 24.75 22.54 8.22
C GLY B 359 24.23 21.58 9.28
N ASP B 360 24.85 21.65 10.46
CA ASP B 360 24.70 20.65 11.51
C ASP B 360 23.71 21.12 12.59
N TYR B 361 22.82 20.20 12.99
CA TYR B 361 21.84 20.52 14.04
C TYR B 361 22.49 20.92 15.36
N TYR B 362 23.64 20.36 15.69
CA TYR B 362 24.17 20.50 17.04
C TYR B 362 25.24 21.58 17.17
N THR B 363 25.92 21.93 16.09
CA THR B 363 26.95 22.97 16.12
C THR B 363 26.60 24.20 15.30
N ASN B 364 25.63 24.11 14.39
CA ASN B 364 25.12 25.25 13.65
C ASN B 364 23.76 25.64 14.21
N HIS B 365 23.20 26.72 13.66
CA HIS B 365 21.89 27.23 14.07
C HIS B 365 20.76 26.63 13.27
N ARG B 366 21.00 25.54 12.55
CA ARG B 366 19.97 24.88 11.77
C ARG B 366 18.73 24.57 12.60
N CYS B 367 17.56 24.68 11.96
CA CYS B 367 16.27 24.54 12.63
C CYS B 367 16.19 23.25 13.44
N ALA B 368 16.02 23.40 14.75
CA ALA B 368 15.83 22.26 15.66
C ALA B 368 14.57 21.47 15.35
N GLY B 369 13.61 22.07 14.64
CA GLY B 369 12.33 21.42 14.44
C GLY B 369 12.11 20.90 13.03
N GLU B 370 13.20 20.70 12.28
CA GLU B 370 13.08 20.23 10.91
C GLU B 370 12.34 18.90 10.85
N TRP B 371 12.74 17.94 11.69
CA TRP B 371 12.11 16.61 11.65
C TRP B 371 10.65 16.69 12.07
N MET B 372 10.36 17.45 13.14
CA MET B 372 8.98 17.73 13.50
C MET B 372 8.20 18.26 12.30
N THR B 373 8.80 19.18 11.52
CA THR B 373 8.09 19.77 10.39
C THR B 373 7.73 18.71 9.36
N ILE B 374 8.68 17.83 9.02
CA ILE B 374 8.44 16.82 7.99
C ILE B 374 7.32 15.88 8.39
N ILE B 375 7.33 15.46 9.66
CA ILE B 375 6.29 14.57 10.19
C ILE B 375 4.92 15.23 10.07
N ILE B 376 4.83 16.50 10.46
CA ILE B 376 3.53 17.15 10.46
C ILE B 376 3.01 17.30 9.02
N MET B 377 3.87 17.74 8.10
CA MET B 377 3.40 17.87 6.72
C MET B 377 3.04 16.52 6.13
N GLN B 378 3.87 15.49 6.38
CA GLN B 378 3.55 14.16 5.89
C GLN B 378 2.17 13.71 6.36
N GLU B 379 1.92 13.78 7.66
CA GLU B 379 0.62 13.34 8.18
C GLU B 379 -0.50 14.20 7.63
N THR B 380 -0.32 15.52 7.59
CA THR B 380 -1.37 16.38 7.06
C THR B 380 -1.63 16.09 5.58
N MET B 381 -0.57 15.99 4.78
CA MET B 381 -0.75 15.71 3.36
C MET B 381 -1.43 14.35 3.13
N LYS B 382 -1.00 13.31 3.87
CA LYS B 382 -1.71 12.03 3.82
C LYS B 382 -3.20 12.22 4.09
N TYR B 383 -3.53 12.92 5.19
CA TYR B 383 -4.92 13.17 5.53
C TYR B 383 -5.67 13.85 4.38
N PHE B 384 -5.15 14.97 3.88
CA PHE B 384 -5.87 15.72 2.87
C PHE B 384 -6.05 14.93 1.58
N ALA B 385 -5.09 14.05 1.24
CA ALA B 385 -5.19 13.27 0.01
C ALA B 385 -6.10 12.05 0.18
N SER B 386 -5.96 11.31 1.28
CA SER B 386 -6.60 10.00 1.41
C SER B 386 -7.92 10.02 2.16
N ARG B 387 -8.06 10.89 3.14
CA ARG B 387 -9.12 10.78 4.13
C ARG B 387 -10.31 11.67 3.86
N ILE B 388 -10.16 12.76 3.09
CA ILE B 388 -11.29 13.60 2.72
C ILE B 388 -11.26 13.83 1.21
N THR B 389 -12.43 14.20 0.68
CA THR B 389 -12.53 14.79 -0.64
C THR B 389 -13.20 16.15 -0.52
N TYR B 390 -12.91 17.03 -1.47
CA TYR B 390 -13.36 18.41 -1.36
C TYR B 390 -13.28 19.10 -2.72
N ASP B 391 -13.93 20.26 -2.79
CA ASP B 391 -13.97 21.09 -3.98
C ASP B 391 -13.08 22.31 -3.79
N VAL B 392 -12.39 22.71 -4.86
CA VAL B 392 -11.56 23.91 -4.84
C VAL B 392 -12.24 25.00 -5.68
N PRO B 393 -13.01 25.91 -5.05
CA PRO B 393 -13.80 26.87 -5.82
C PRO B 393 -12.96 27.99 -6.42
N GLU B 394 -13.62 29.01 -6.97
CA GLU B 394 -12.95 30.11 -7.65
C GLU B 394 -12.28 31.01 -6.63
N GLN B 395 -10.99 31.25 -6.80
CA GLN B 395 -10.25 32.02 -5.83
C GLN B 395 -8.93 32.45 -6.42
N ASP B 396 -8.29 33.38 -5.73
CA ASP B 396 -6.95 33.82 -6.08
C ASP B 396 -5.95 32.87 -5.42
N LEU B 397 -5.42 31.94 -6.22
CA LEU B 397 -4.38 31.01 -5.79
C LEU B 397 -2.97 31.52 -6.07
N THR B 398 -2.80 32.84 -6.18
CA THR B 398 -1.52 33.40 -6.59
C THR B 398 -0.48 33.26 -5.48
N VAL B 399 0.73 32.83 -5.87
CA VAL B 399 1.88 32.86 -4.98
C VAL B 399 2.85 33.89 -5.54
N ASP B 400 2.70 35.14 -5.07
CA ASP B 400 3.49 36.28 -5.52
C ASP B 400 4.93 36.14 -5.02
N LEU B 401 5.86 35.78 -5.91
CA LEU B 401 7.26 35.58 -5.53
C LEU B 401 7.97 36.88 -5.15
N ASN B 402 7.38 38.05 -5.44
CA ASN B 402 7.96 39.35 -5.11
C ASN B 402 7.57 39.86 -3.73
N SER B 403 6.57 39.26 -3.09
CA SER B 403 6.10 39.67 -1.78
C SER B 403 6.64 38.75 -0.69
N LEU B 404 7.40 39.31 0.26
CA LEU B 404 7.66 38.63 1.52
C LEU B 404 6.48 38.85 2.47
N PRO B 405 5.96 37.80 3.12
CA PRO B 405 6.39 36.41 2.94
C PRO B 405 5.53 35.67 1.88
N GLY B 406 6.01 34.51 1.43
CA GLY B 406 5.23 33.72 0.50
C GLY B 406 3.93 33.23 1.13
N TYR B 407 2.86 33.27 0.34
CA TYR B 407 1.55 32.91 0.87
C TYR B 407 0.63 32.64 -0.30
N VAL B 408 -0.18 31.58 -0.20
CA VAL B 408 -1.24 31.39 -1.16
C VAL B 408 -2.26 32.48 -0.93
N LYS B 409 -2.54 33.27 -1.98
CA LYS B 409 -3.19 34.57 -1.79
C LYS B 409 -4.49 34.42 -1.01
N SER B 410 -5.29 33.42 -1.34
CA SER B 410 -6.57 33.25 -0.65
C SER B 410 -6.47 32.39 0.60
N GLY B 411 -5.28 31.87 0.95
CA GLY B 411 -5.19 30.89 2.01
C GLY B 411 -5.72 29.53 1.64
N PHE B 412 -5.97 29.30 0.34
CA PHE B 412 -6.50 28.05 -0.22
C PHE B 412 -7.80 27.60 0.44
N ILE B 413 -8.93 28.05 -0.11
CA ILE B 413 -10.25 27.68 0.35
C ILE B 413 -10.69 26.37 -0.30
N ILE B 414 -11.36 25.53 0.49
CA ILE B 414 -11.98 24.31 -0.01
C ILE B 414 -13.43 24.30 0.47
N GLU B 415 -14.25 23.45 -0.12
CA GLU B 415 -15.64 23.32 0.32
C GLU B 415 -16.15 21.91 -0.01
N ASN B 416 -17.39 21.64 0.39
CA ASN B 416 -18.00 20.31 0.29
C ASN B 416 -17.05 19.22 0.81
N VAL B 417 -16.50 19.46 2.00
CA VAL B 417 -15.63 18.46 2.59
C VAL B 417 -16.47 17.25 3.03
N ARG B 418 -16.02 16.07 2.63
CA ARG B 418 -16.71 14.83 2.95
C ARG B 418 -15.66 13.78 3.28
N GLU B 419 -15.87 13.07 4.38
CA GLU B 419 -14.93 12.02 4.75
C GLU B 419 -15.02 10.86 3.77
N VAL B 420 -13.88 10.20 3.55
CA VAL B 420 -13.79 9.03 2.69
C VAL B 420 -13.95 7.79 3.56
N VAL B 421 -15.07 7.08 3.40
CA VAL B 421 -15.31 5.83 4.11
C VAL B 421 -15.91 4.84 3.14
N ASP B 422 -15.32 3.65 3.04
CA ASP B 422 -15.85 2.61 2.18
C ASP B 422 -16.83 1.74 2.98
N ARG B 423 -18.03 2.26 3.14
CA ARG B 423 -19.05 1.59 3.94
C ARG B 423 -19.66 0.39 3.24
N ASP B 424 -19.46 0.22 1.93
CA ASP B 424 -20.02 -0.91 1.22
C ASP B 424 -19.00 -2.02 0.97
N LEU B 425 -17.79 -1.90 1.53
CA LEU B 425 -16.76 -2.93 1.41
C LEU B 425 -17.08 -4.15 2.28
N GLU B 426 -16.99 -5.34 1.68
CA GLU B 426 -17.15 -6.59 2.41
C GLU B 426 -15.96 -7.49 2.13
N HIS B 427 -15.87 -8.60 2.89
CA HIS B 427 -14.74 -9.52 2.76
C HIS B 427 -14.49 -9.96 1.33
N HIS B 428 -15.56 -10.15 0.55
CA HIS B 428 -15.41 -10.62 -0.82
C HIS B 428 -14.94 -9.53 -1.79
N HIS B 429 -14.54 -8.36 -1.30
CA HIS B 429 -13.98 -7.31 -2.16
C HIS B 429 -12.47 -7.16 -1.97
N HIS B 430 -11.87 -7.70 -0.91
CA HIS B 430 -10.46 -7.45 -0.66
C HIS B 430 -9.71 -8.75 -0.37
N HIS B 431 -8.40 -8.59 -0.09
CA HIS B 431 -7.47 -9.69 0.11
C HIS B 431 -8.01 -10.72 1.11
N HIS B 432 -7.66 -11.98 0.89
CA HIS B 432 -8.07 -13.06 1.78
C HIS B 432 -6.87 -13.54 2.60
CHA HEM C . -14.54 -30.45 -4.74
CHB HEM C . -10.65 -29.95 -1.85
CHC HEM C . -8.53 -26.96 -5.01
CHD HEM C . -12.30 -27.75 -8.05
C1A HEM C . -13.63 -30.61 -3.70
C2A HEM C . -13.80 -31.50 -2.58
C3A HEM C . -12.73 -31.36 -1.80
C4A HEM C . -11.85 -30.36 -2.38
CMA HEM C . -12.46 -32.13 -0.47
CAA HEM C . -14.99 -32.44 -2.35
CBA HEM C . -15.90 -31.76 -1.34
CGA HEM C . -17.23 -32.48 -1.26
O1A HEM C . -18.12 -31.97 -0.50
O2A HEM C . -17.41 -33.53 -1.95
C1B HEM C . -9.76 -29.04 -2.39
C2B HEM C . -8.58 -28.53 -1.74
C3B HEM C . -7.99 -27.70 -2.59
C4B HEM C . -8.76 -27.65 -3.83
CMB HEM C . -8.10 -28.86 -0.30
CAB HEM C . -6.70 -26.94 -2.22
CBB HEM C . -6.29 -25.91 -2.94
C1C HEM C . -9.30 -27.01 -6.15
C2C HEM C . -8.96 -26.48 -7.48
C3C HEM C . -10.01 -26.68 -8.29
C4C HEM C . -11.06 -27.36 -7.55
CMC HEM C . -7.67 -25.78 -7.97
CAC HEM C . -9.98 -26.28 -9.77
CBC HEM C . -11.11 -25.98 -10.43
C1D HEM C . -13.27 -28.51 -7.43
C2D HEM C . -14.58 -28.88 -7.94
C3D HEM C . -15.20 -29.63 -7.02
C4D HEM C . -14.29 -29.76 -5.90
CMD HEM C . -15.18 -28.51 -9.31
CAD HEM C . -16.60 -30.26 -7.10
CBD HEM C . -17.67 -29.32 -6.53
CGD HEM C . -19.00 -30.06 -6.61
O1D HEM C . -20.09 -29.45 -6.54
O2D HEM C . -18.95 -31.31 -6.78
NA HEM C . -12.43 -29.93 -3.55
NB HEM C . -9.82 -28.50 -3.66
NC HEM C . -10.58 -27.54 -6.25
ND HEM C . -13.14 -29.05 -6.17
FE HEM C . -11.55 -28.65 -4.88
O1 DCR D . -9.65 -32.71 -7.35
C1 DCR D . -10.34 -31.68 -7.09
O2 DCR D . -11.22 -31.65 -6.15
C2 DCR D . -10.11 -30.43 -7.96
C3 DCR D . -8.91 -30.52 -8.93
C4 DCR D . -9.36 -30.87 -10.35
C5 DCR D . -10.88 -30.72 -10.47
C6 DCR D . -11.39 -31.12 -11.85
C7 DCR D . -12.85 -31.53 -11.66
C8 DCR D . -13.55 -31.62 -13.01
C9 DCR D . -14.63 -32.69 -12.92
C10 DCR D . -15.25 -32.93 -14.29
C11 DCR D . -16.31 -34.01 -14.17
C12 DCR D . -16.96 -34.26 -15.54
C13 DCR D . -18.30 -34.98 -15.35
C14 DCR D . -18.79 -35.59 -16.66
C15 DCR D . -20.31 -35.39 -16.77
C16 DCR D . -20.61 -34.98 -18.22
C17 DCR D . -21.75 -33.96 -18.27
C18 DCR D . -21.79 -33.39 -19.68
C19 DCR D . -22.85 -32.30 -19.79
C20 DCR D . -22.65 -31.56 -21.12
C1 GOL E . -28.06 -33.90 1.93
O1 GOL E . -29.32 -34.27 1.43
C2 GOL E . -26.96 -34.27 0.89
O2 GOL E . -26.85 -35.64 0.68
C3 GOL E . -25.65 -33.70 1.47
O3 GOL E . -24.82 -33.51 0.39
C1 GOL F . -26.78 -18.31 -23.66
O1 GOL F . -27.64 -18.31 -22.53
C2 GOL F . -25.36 -18.73 -23.18
O2 GOL F . -24.63 -19.37 -24.19
C3 GOL F . -24.71 -17.42 -22.62
O3 GOL F . -23.40 -17.38 -23.12
C1 GOL G . 18.73 -14.73 -15.92
O1 GOL G . 18.36 -14.33 -14.62
C2 GOL G . 18.19 -16.21 -16.23
O2 GOL G . 19.16 -17.18 -16.04
C3 GOL G . 16.86 -16.48 -15.41
O3 GOL G . 15.92 -17.22 -16.18
CHA HEM H . 15.86 27.94 13.51
CHB HEM H . 12.66 25.46 16.17
CHC HEM H . 9.65 24.95 12.45
CHD HEM H . 12.72 27.75 9.82
C1A HEM H . 15.23 27.32 14.56
C2A HEM H . 15.71 27.30 15.93
C3A HEM H . 14.82 26.62 16.65
C4A HEM H . 13.75 26.19 15.77
CMA HEM H . 14.90 26.33 18.17
CAA HEM H . 17.01 27.95 16.44
CBA HEM H . 18.17 27.02 16.15
CGA HEM H . 19.47 27.58 16.70
O1A HEM H . 20.42 26.76 16.92
O2A HEM H . 19.56 28.82 16.93
C1B HEM H . 11.63 25.00 15.40
C2B HEM H . 10.65 24.02 15.79
C3B HEM H . 9.81 23.85 14.76
C4B HEM H . 10.22 24.74 13.68
CMB HEM H . 10.60 23.27 17.15
CAB HEM H . 8.63 22.86 14.81
CBB HEM H . 8.03 22.43 13.69
C1C HEM H . 10.17 25.77 11.45
C2C HEM H . 9.51 26.12 10.19
C3C HEM H . 10.34 26.87 9.48
C4C HEM H . 11.58 27.04 10.22
CMC HEM H . 8.09 25.73 9.73
CAC HEM H . 9.89 27.41 8.10
CBC HEM H . 10.69 28.05 7.26
C1D HEM H . 13.88 27.99 10.54
C2D HEM H . 15.10 28.68 10.10
C3D HEM H . 15.95 28.74 11.13
C4D HEM H . 15.31 28.10 12.25
CMD HEM H . 15.37 29.27 8.71
CAD HEM H . 17.35 29.38 11.16
CBD HEM H . 18.47 28.44 10.72
CGD HEM H . 19.76 29.19 10.91
O1D HEM H . 20.83 28.76 10.39
O2D HEM H . 19.75 30.24 11.59
NA HEM H . 14.01 26.65 14.50
NB HEM H . 11.33 25.41 14.12
NC HEM H . 11.43 26.35 11.42
ND HEM H . 14.06 27.66 11.87
FE HEM H . 12.70 26.41 12.94
O1 DCR I . 10.85 28.88 12.63
C1 DCR I . 11.29 29.73 13.43
O2 DCR I . 12.29 29.43 14.17
C2 DCR I . 10.62 31.09 13.46
C3 DCR I . 9.09 30.95 13.40
C4 DCR I . 8.56 31.06 11.95
C5 DCR I . 9.44 31.94 11.06
C6 DCR I . 10.22 31.08 10.06
C7 DCR I . 11.67 31.55 9.92
C8 DCR I . 11.74 33.02 9.49
C9 DCR I . 13.05 33.29 8.72
C10 DCR I . 13.77 34.54 9.24
C11 DCR I . 14.15 35.52 8.12
C12 DCR I . 15.18 36.54 8.64
C13 DCR I . 15.49 37.55 7.53
C14 DCR I . 16.76 38.37 7.82
C15 DCR I . 17.15 39.20 6.59
C16 DCR I . 18.40 40.07 6.81
C17 DCR I . 19.44 39.90 5.68
C18 DCR I . 18.94 40.42 4.31
C19 DCR I . 20.04 40.39 3.22
C20 DCR I . 19.43 40.28 1.82
C1 GOL J . 28.28 27.39 17.70
O1 GOL J . 27.11 27.96 17.23
C2 GOL J . 29.39 28.35 17.27
O2 GOL J . 29.37 29.48 18.02
C3 GOL J . 30.70 27.55 17.47
O3 GOL J . 31.75 28.41 17.12
C1 GOL K . 22.67 31.19 -10.30
O1 GOL K . 23.18 32.46 -10.53
C2 GOL K . 21.16 31.37 -10.02
O2 GOL K . 20.69 32.65 -10.31
C3 GOL K . 20.46 30.27 -10.86
O3 GOL K . 19.16 30.13 -10.34
C1 GOL L . -18.35 22.10 3.28
O1 GOL L . -17.08 21.77 3.83
C2 GOL L . -19.43 21.19 3.95
O2 GOL L . -20.70 21.78 4.06
C3 GOL L . -19.39 19.77 3.26
O3 GOL L . -20.46 18.97 3.71
#